data_4J3X
#
_entry.id   4J3X
#
_cell.length_a   173.270
_cell.length_b   86.200
_cell.length_c   61.560
_cell.angle_alpha   90.000
_cell.angle_beta   96.030
_cell.angle_gamma   90.000
#
_symmetry.space_group_name_H-M   'C 1 2 1'
#
loop_
_entity.id
_entity.type
_entity.pdbx_description
1 polymer 'Limit dextrinase'
2 branched alpha-D-glucopyranose-(1-6)-alpha-D-glucopyranose-(1-4)-alpha-D-glucopyranose-(1-4)-alpha-D-glucopyranose-(1-6)-alpha-D-glucopyranose-(1-4)-alpha-D-glucopyranose-(1-4)-alpha-D-glucopyranose
3 non-polymer 'CALCIUM ION'
4 non-polymer 'IODIDE ION'
5 non-polymer 'CHLORIDE ION'
6 water water
#
_entity_poly.entity_id   1
_entity_poly.type   'polypeptide(L)'
_entity_poly.pdbx_seq_one_letter_code
;MGSSHHHHHHSSGLVPRGSHMAFMPDARAYWVTSDLIAWNVGELEAQSVCLYASRAAAMSLSPSNGGIQGYDSKVELQPE
SAGLPETVTQKFPFISSYRAFRVPSSVDVASLVKCQLVVASFGADGKHVDVTGLQLPGVLDDMFAYTGPLGAVFSEDSVS
LHLWAPTAQGVSVCFFDGPAGPALETVQLKESNGVWSVTGPREWENRYYLYEVDVYHPTKAQVLKCLAGDPYARSLSANG
ARTWLVDINNETLKPASWDELADEKPKLDSFSDITIYELHIRDFSAHDGTVDSDSRGGFRAFAYQASAGMEHLRKLSDAG
LTHVHLLPSFHFAGVDDIKSNWKFVDECELATFPPGSDMQQAAVVAIQEEDPYNWGYNPVLWGVPKGSYASDPDGPSRII
EYRQMVQALNRIGLRVVMDVVYNHLDSSGPCGISSVLDKIVPGYYVRRDTNGQIENSAAMNNTASEHFMVDRLIVDDLLN
WAVNYKVDGFRFDLMGHIMKRTMMRAKSALQSLTTDAHGVDGSKIYLYGAGWDFAEVARNQRGINGSQLNMSGTGIGSFN
DRIRDAINGGNPFGNPLQQGFNTGLFLEPNGFYQGNEADTRRSLATYADQIQIGLAGNLRDYVLISHTGEAKKGSEIHTF
DGLPVGYTASPIETINYVSAHDNETLFDVISVKTPMILSVDERCRINHLASSMMALSQGIPFFHAGDEILRSKSIDRDSY
NSGDWFNKLDFTYETNNWGVGLPPSEKNEDNWPLMKPRLENPSFKPAKGHILAALDSFVDILKIRYSSPLFRLSTANDIK
QRVRFHNTGPSLVPGVIVMGIEDARGESPEMAQLDTNFSYVVTVFNVCPHEVSMDIPALASMGFELHPVQVNSSDTLVRK
SAYEAATGRFTVPGRTVSVFVEPRC
;
_entity_poly.pdbx_strand_id   A
#
# COMPACT_ATOMS: atom_id res chain seq x y z
N PHE A 23 -27.49 -21.85 21.66
CA PHE A 23 -28.09 -20.72 20.88
C PHE A 23 -27.00 -19.88 20.22
N MET A 24 -26.88 -20.01 18.89
CA MET A 24 -25.81 -19.36 18.12
C MET A 24 -26.39 -18.82 16.82
N PRO A 25 -27.27 -17.80 16.90
CA PRO A 25 -27.89 -17.29 15.68
C PRO A 25 -26.88 -16.58 14.78
N ASP A 26 -27.19 -16.52 13.48
CA ASP A 26 -26.46 -15.67 12.56
C ASP A 26 -27.00 -14.25 12.72
N ALA A 27 -26.69 -13.35 11.79
CA ALA A 27 -27.15 -11.96 11.91
C ALA A 27 -27.51 -11.36 10.54
N ARG A 28 -28.75 -11.59 10.12
CA ARG A 28 -29.22 -11.18 8.80
C ARG A 28 -30.03 -9.89 8.85
N ALA A 29 -30.26 -9.37 10.06
CA ALA A 29 -30.98 -8.11 10.23
C ALA A 29 -30.01 -7.02 10.68
N TYR A 30 -30.37 -5.77 10.38
CA TYR A 30 -29.52 -4.62 10.61
C TYR A 30 -30.25 -3.58 11.44
N TRP A 31 -29.62 -3.10 12.51
CA TRP A 31 -30.15 -1.96 13.24
C TRP A 31 -29.44 -0.73 12.66
N VAL A 32 -30.15 0.01 11.80
CA VAL A 32 -29.50 1.04 10.97
C VAL A 32 -29.58 2.46 11.53
N THR A 33 -30.64 2.76 12.27
CA THR A 33 -30.76 4.03 12.97
C THR A 33 -31.49 3.74 14.28
N SER A 34 -31.58 4.74 15.15
CA SER A 34 -32.23 4.57 16.44
C SER A 34 -33.61 3.92 16.30
N ASP A 35 -34.38 4.36 15.29
CA ASP A 35 -35.77 3.92 15.15
C ASP A 35 -36.05 2.96 13.98
N LEU A 36 -35.01 2.45 13.30
CA LEU A 36 -35.19 1.59 12.12
CA LEU A 36 -35.22 1.57 12.14
C LEU A 36 -34.32 0.34 12.13
N ILE A 37 -34.96 -0.80 11.86
CA ILE A 37 -34.30 -2.07 11.64
C ILE A 37 -34.62 -2.52 10.22
N ALA A 38 -33.62 -3.08 9.55
CA ALA A 38 -33.76 -3.58 8.19
C ALA A 38 -33.65 -5.10 8.19
N TRP A 39 -34.62 -5.77 7.57
CA TRP A 39 -34.59 -7.23 7.45
C TRP A 39 -35.27 -7.64 6.16
N ASN A 40 -34.63 -8.53 5.42
CA ASN A 40 -35.09 -8.92 4.09
C ASN A 40 -36.05 -10.10 4.14
N VAL A 41 -37.24 -9.85 4.69
CA VAL A 41 -38.29 -10.87 4.80
C VAL A 41 -39.51 -10.47 3.97
N GLY A 42 -40.42 -11.43 3.77
CA GLY A 42 -41.60 -11.22 2.94
C GLY A 42 -42.66 -10.32 3.58
N GLU A 43 -43.71 -10.04 2.81
CA GLU A 43 -44.80 -9.16 3.24
C GLU A 43 -45.58 -9.74 4.42
N LEU A 44 -45.88 -11.04 4.37
CA LEU A 44 -46.64 -11.71 5.41
C LEU A 44 -45.80 -11.85 6.68
N GLU A 45 -44.57 -12.34 6.52
CA GLU A 45 -43.65 -12.49 7.65
C GLU A 45 -43.45 -11.16 8.39
N ALA A 46 -43.45 -10.05 7.65
CA ALA A 46 -43.24 -8.71 8.21
C ALA A 46 -44.35 -8.25 9.17
N GLN A 47 -45.50 -8.91 9.12
CA GLN A 47 -46.62 -8.58 10.03
C GLN A 47 -46.42 -9.09 11.46
N SER A 48 -45.47 -10.00 11.67
CA SER A 48 -45.27 -10.60 12.99
C SER A 48 -43.80 -10.64 13.39
N VAL A 49 -43.16 -9.47 13.38
CA VAL A 49 -41.74 -9.34 13.75
C VAL A 49 -41.61 -8.68 15.13
N CYS A 50 -40.80 -9.28 16.00
CA CYS A 50 -40.54 -8.74 17.33
CA CYS A 50 -40.54 -8.74 17.33
C CYS A 50 -39.04 -8.66 17.60
N LEU A 51 -38.64 -7.74 18.47
CA LEU A 51 -37.25 -7.58 18.90
C LEU A 51 -37.12 -8.09 20.33
N TYR A 52 -36.13 -8.94 20.56
CA TYR A 52 -35.89 -9.56 21.87
C TYR A 52 -34.48 -9.24 22.38
N ALA A 53 -34.38 -8.89 23.66
CA ALA A 53 -33.10 -8.55 24.28
C ALA A 53 -32.86 -9.31 25.59
N SER A 54 -31.62 -9.76 25.79
CA SER A 54 -31.19 -10.34 27.05
C SER A 54 -29.81 -9.79 27.41
N ARG A 55 -29.72 -9.10 28.53
CA ARG A 55 -28.44 -8.52 28.97
C ARG A 55 -27.42 -9.61 29.30
N ALA A 56 -27.88 -10.72 29.90
CA ALA A 56 -27.00 -11.83 30.27
C ALA A 56 -26.79 -12.85 29.14
N ALA A 57 -27.29 -12.55 27.94
CA ALA A 57 -27.19 -13.45 26.79
C ALA A 57 -27.76 -14.83 27.12
N ALA A 58 -28.97 -14.84 27.68
CA ALA A 58 -29.58 -16.07 28.19
C ALA A 58 -30.74 -16.58 27.33
N MET A 59 -30.86 -16.11 26.10
CA MET A 59 -31.98 -16.52 25.25
C MET A 59 -31.77 -17.88 24.58
N SER A 60 -32.87 -18.52 24.22
CA SER A 60 -32.85 -19.75 23.44
C SER A 60 -34.16 -19.89 22.69
N LEU A 61 -34.21 -20.82 21.75
CA LEU A 61 -35.47 -21.21 21.13
C LEU A 61 -36.24 -22.08 22.11
N SER A 62 -37.55 -21.85 22.24
CA SER A 62 -38.38 -22.71 23.07
C SER A 62 -38.51 -24.08 22.41
N PRO A 63 -38.68 -25.14 23.20
CA PRO A 63 -38.93 -26.43 22.59
C PRO A 63 -40.37 -26.44 22.08
N SER A 64 -40.57 -26.78 20.82
CA SER A 64 -41.78 -26.45 20.05
C SER A 64 -41.40 -25.48 18.93
N ASN A 65 -40.35 -24.69 19.20
CA ASN A 65 -39.82 -23.74 18.22
C ASN A 65 -40.89 -22.78 17.73
N GLY A 66 -41.80 -22.40 18.63
CA GLY A 66 -42.86 -21.45 18.31
C GLY A 66 -42.61 -20.08 18.91
N GLY A 67 -41.45 -19.90 19.53
CA GLY A 67 -41.07 -18.60 20.11
C GLY A 67 -39.66 -18.54 20.65
N ILE A 68 -39.30 -17.37 21.17
CA ILE A 68 -38.01 -17.16 21.83
C ILE A 68 -38.23 -17.22 23.33
N GLN A 69 -37.23 -17.76 24.02
CA GLN A 69 -37.25 -18.02 25.44
C GLN A 69 -36.14 -17.22 26.12
N GLY A 70 -36.33 -16.87 27.40
CA GLY A 70 -35.25 -16.31 28.22
C GLY A 70 -34.85 -14.88 27.93
N TYR A 71 -35.79 -14.10 27.40
CA TYR A 71 -35.54 -12.68 27.10
C TYR A 71 -35.89 -11.80 28.30
N ASP A 72 -35.18 -10.68 28.45
CA ASP A 72 -35.53 -9.65 29.44
C ASP A 72 -36.75 -8.87 28.95
N SER A 73 -36.78 -8.59 27.65
CA SER A 73 -37.82 -7.77 27.05
C SER A 73 -38.12 -8.23 25.63
N LYS A 74 -39.35 -8.00 25.22
CA LYS A 74 -39.84 -8.33 23.89
C LYS A 74 -40.67 -7.14 23.42
N VAL A 75 -40.48 -6.73 22.17
CA VAL A 75 -41.24 -5.60 21.63
C VAL A 75 -41.58 -5.82 20.16
N GLU A 76 -42.81 -5.54 19.79
CA GLU A 76 -43.24 -5.65 18.39
C GLU A 76 -42.62 -4.53 17.56
N LEU A 77 -42.19 -4.89 16.36
CA LEU A 77 -41.69 -3.93 15.38
C LEU A 77 -42.67 -3.82 14.23
N GLN A 78 -43.32 -2.66 14.12
CA GLN A 78 -44.31 -2.45 13.06
C GLN A 78 -43.61 -2.22 11.73
N PRO A 79 -44.08 -2.89 10.66
CA PRO A 79 -43.48 -2.65 9.34
C PRO A 79 -43.59 -1.18 8.93
N GLU A 80 -42.48 -0.61 8.48
CA GLU A 80 -42.45 0.76 8.00
C GLU A 80 -42.71 0.73 6.50
N SER A 81 -43.93 1.07 6.11
CA SER A 81 -44.38 0.99 4.71
C SER A 81 -43.45 1.71 3.73
N ALA A 82 -42.89 2.85 4.14
CA ALA A 82 -42.04 3.67 3.26
C ALA A 82 -40.72 2.99 2.85
N GLY A 83 -40.22 2.08 3.68
CA GLY A 83 -38.93 1.44 3.42
C GLY A 83 -37.81 2.22 4.08
N LEU A 84 -36.58 1.97 3.65
CA LEU A 84 -35.41 2.60 4.25
C LEU A 84 -35.19 3.98 3.64
N PRO A 85 -34.87 4.99 4.47
CA PRO A 85 -34.64 6.34 3.95
C PRO A 85 -33.33 6.47 3.19
N GLU A 86 -33.17 7.60 2.50
CA GLU A 86 -32.05 7.81 1.58
C GLU A 86 -30.68 7.81 2.29
N THR A 87 -30.61 8.37 3.49
CA THR A 87 -29.34 8.35 4.26
C THR A 87 -28.87 6.92 4.54
N VAL A 88 -29.81 6.02 4.81
CA VAL A 88 -29.49 4.62 5.09
C VAL A 88 -29.03 3.89 3.82
N THR A 89 -29.78 4.05 2.75
CA THR A 89 -29.49 3.33 1.50
C THR A 89 -28.23 3.88 0.81
N GLN A 90 -27.92 5.14 1.05
CA GLN A 90 -26.65 5.72 0.59
C GLN A 90 -25.48 5.11 1.38
N LYS A 91 -25.65 4.99 2.69
CA LYS A 91 -24.58 4.46 3.55
C LYS A 91 -24.40 2.94 3.41
N PHE A 92 -25.49 2.22 3.14
CA PHE A 92 -25.47 0.77 3.01
C PHE A 92 -26.23 0.33 1.74
N PRO A 93 -25.62 0.54 0.55
CA PRO A 93 -26.35 0.27 -0.69
C PRO A 93 -26.80 -1.16 -0.86
N PHE A 94 -25.98 -2.08 -0.38
CA PHE A 94 -26.23 -3.52 -0.49
C PHE A 94 -27.49 -4.02 0.24
N ILE A 95 -28.04 -3.23 1.17
CA ILE A 95 -29.29 -3.59 1.84
C ILE A 95 -30.45 -2.66 1.46
N SER A 96 -30.32 -1.93 0.36
CA SER A 96 -31.29 -0.91 0.01
C SER A 96 -32.69 -1.45 -0.28
N SER A 97 -32.80 -2.72 -0.67
CA SER A 97 -34.11 -3.33 -0.94
C SER A 97 -34.73 -4.03 0.29
N TYR A 98 -34.06 -3.99 1.43
CA TYR A 98 -34.57 -4.62 2.65
C TYR A 98 -35.83 -3.92 3.17
N ARG A 99 -36.77 -4.69 3.72
CA ARG A 99 -37.92 -4.08 4.38
C ARG A 99 -37.47 -3.37 5.64
N ALA A 100 -38.19 -2.31 5.99
CA ALA A 100 -37.89 -1.49 7.16
C ALA A 100 -38.88 -1.79 8.27
N PHE A 101 -38.39 -1.74 9.52
CA PHE A 101 -39.21 -1.98 10.70
C PHE A 101 -38.99 -0.89 11.73
N ARG A 102 -40.08 -0.29 12.20
CA ARG A 102 -40.00 0.81 13.16
C ARG A 102 -39.81 0.29 14.58
N VAL A 103 -38.81 0.83 15.27
CA VAL A 103 -38.58 0.56 16.68
C VAL A 103 -39.33 1.63 17.49
N PRO A 104 -40.23 1.21 18.39
CA PRO A 104 -41.01 2.21 19.13
C PRO A 104 -40.17 3.09 20.04
N SER A 105 -40.65 4.32 20.27
CA SER A 105 -39.96 5.29 21.12
C SER A 105 -39.78 4.81 22.56
N SER A 106 -40.59 3.85 22.98
CA SER A 106 -40.50 3.27 24.32
C SER A 106 -39.20 2.47 24.56
N VAL A 107 -38.54 2.04 23.48
CA VAL A 107 -37.31 1.26 23.60
C VAL A 107 -36.14 2.13 24.06
N ASP A 108 -35.41 1.66 25.06
CA ASP A 108 -34.18 2.29 25.52
C ASP A 108 -33.03 1.72 24.69
N VAL A 109 -32.69 2.40 23.60
CA VAL A 109 -31.74 1.87 22.61
C VAL A 109 -30.35 1.73 23.20
N ALA A 110 -29.91 2.73 23.96
CA ALA A 110 -28.59 2.69 24.59
C ALA A 110 -28.45 1.43 25.44
N SER A 111 -29.52 1.04 26.14
CA SER A 111 -29.49 -0.18 26.95
C SER A 111 -29.48 -1.44 26.10
N LEU A 112 -30.34 -1.49 25.08
CA LEU A 112 -30.49 -2.70 24.28
C LEU A 112 -29.22 -3.06 23.47
N VAL A 113 -28.49 -2.08 22.97
CA VAL A 113 -27.29 -2.39 22.17
C VAL A 113 -26.16 -3.04 22.98
N LYS A 114 -26.29 -3.04 24.30
CA LYS A 114 -25.35 -3.75 25.18
C LYS A 114 -25.75 -5.21 25.41
N CYS A 115 -26.89 -5.61 24.85
CA CYS A 115 -27.45 -6.94 25.09
C CYS A 115 -27.25 -7.89 23.92
N GLN A 116 -27.48 -9.17 24.20
CA GLN A 116 -27.75 -10.14 23.15
C GLN A 116 -29.10 -9.75 22.55
N LEU A 117 -29.14 -9.61 21.23
CA LEU A 117 -30.36 -9.21 20.52
C LEU A 117 -30.73 -10.18 19.41
N VAL A 118 -32.01 -10.50 19.29
CA VAL A 118 -32.52 -11.14 18.07
C VAL A 118 -33.84 -10.51 17.64
N VAL A 119 -34.07 -10.57 16.35
CA VAL A 119 -35.40 -10.36 15.80
C VAL A 119 -35.90 -11.73 15.36
N ALA A 120 -37.20 -11.95 15.49
CA ALA A 120 -37.79 -13.20 15.08
C ALA A 120 -39.19 -13.01 14.55
N SER A 121 -39.60 -13.92 13.66
CA SER A 121 -41.00 -14.05 13.24
C SER A 121 -41.43 -15.50 13.38
N VAL A 129 -40.64 -20.74 11.54
CA VAL A 129 -39.94 -19.83 12.45
C VAL A 129 -38.64 -19.30 11.81
N ASP A 130 -38.31 -18.06 12.12
CA ASP A 130 -37.16 -17.38 11.52
C ASP A 130 -36.55 -16.45 12.58
N VAL A 131 -35.35 -16.79 13.06
CA VAL A 131 -34.68 -16.05 14.14
CA VAL A 131 -34.70 -16.02 14.12
C VAL A 131 -33.30 -15.62 13.66
N THR A 132 -32.92 -14.38 13.97
CA THR A 132 -31.59 -13.91 13.58
C THR A 132 -31.13 -12.74 14.44
N GLY A 133 -29.82 -12.58 14.56
CA GLY A 133 -29.22 -11.46 15.29
C GLY A 133 -29.22 -10.16 14.50
N LEU A 134 -28.67 -9.12 15.11
CA LEU A 134 -28.69 -7.77 14.55
C LEU A 134 -27.29 -7.23 14.35
N GLN A 135 -27.03 -6.71 13.16
CA GLN A 135 -25.79 -5.98 12.86
C GLN A 135 -26.00 -4.51 13.23
N LEU A 136 -25.23 -4.05 14.21
CA LEU A 136 -25.48 -2.78 14.89
C LEU A 136 -24.73 -1.53 14.42
N PRO A 137 -23.78 -1.62 13.45
CA PRO A 137 -23.02 -0.40 13.19
C PRO A 137 -23.82 0.85 12.84
N GLY A 138 -24.89 0.70 12.07
CA GLY A 138 -25.70 1.83 11.68
C GLY A 138 -26.23 2.61 12.87
N VAL A 139 -26.86 1.90 13.80
CA VAL A 139 -27.42 2.54 14.98
C VAL A 139 -26.33 3.07 15.90
N LEU A 140 -25.21 2.35 16.00
CA LEU A 140 -24.09 2.81 16.82
C LEU A 140 -23.55 4.16 16.32
N ASP A 141 -23.42 4.30 15.01
CA ASP A 141 -23.01 5.59 14.44
C ASP A 141 -24.08 6.66 14.64
N ASP A 142 -25.34 6.30 14.40
CA ASP A 142 -26.47 7.23 14.50
C ASP A 142 -26.57 7.83 15.91
N MET A 143 -26.32 7.02 16.93
CA MET A 143 -26.48 7.46 18.32
C MET A 143 -25.19 7.89 19.01
N PHE A 144 -24.07 7.25 18.66
CA PHE A 144 -22.82 7.41 19.41
C PHE A 144 -21.59 7.88 18.65
N ALA A 145 -21.75 8.30 17.39
CA ALA A 145 -20.62 8.92 16.67
C ALA A 145 -20.04 10.00 17.57
N TYR A 146 -18.73 9.98 17.72
CA TYR A 146 -18.07 10.79 18.74
C TYR A 146 -16.82 11.45 18.18
N THR A 147 -16.68 12.76 18.45
CA THR A 147 -15.58 13.56 17.93
C THR A 147 -14.68 14.13 19.02
N GLY A 148 -14.96 13.77 20.27
CA GLY A 148 -14.15 14.21 21.40
C GLY A 148 -12.86 13.42 21.57
N PRO A 149 -12.09 13.74 22.60
CA PRO A 149 -10.81 13.08 22.84
C PRO A 149 -10.91 11.56 22.99
N LEU A 150 -9.99 10.84 22.36
CA LEU A 150 -9.85 9.39 22.55
C LEU A 150 -8.43 9.06 22.92
N GLY A 151 -8.25 7.94 23.61
CA GLY A 151 -6.95 7.51 24.10
C GLY A 151 -6.55 8.24 25.36
N ALA A 152 -5.24 8.43 25.55
CA ALA A 152 -4.69 9.09 26.73
C ALA A 152 -4.48 10.58 26.47
N VAL A 153 -4.99 11.43 27.36
CA VAL A 153 -4.80 12.87 27.30
C VAL A 153 -4.04 13.33 28.55
N PHE A 154 -2.96 14.07 28.36
CA PHE A 154 -2.12 14.55 29.44
C PHE A 154 -2.32 16.05 29.70
N SER A 155 -2.43 16.40 30.98
CA SER A 155 -2.42 17.80 31.41
CA SER A 155 -2.43 17.80 31.43
C SER A 155 -1.37 17.94 32.50
N GLU A 156 -1.11 19.17 32.95
CA GLU A 156 -0.11 19.41 33.99
C GLU A 156 -0.29 18.52 35.21
N ASP A 157 -1.53 18.38 35.65
CA ASP A 157 -1.87 17.74 36.92
C ASP A 157 -2.59 16.40 36.76
N SER A 158 -2.73 15.90 35.53
CA SER A 158 -3.56 14.71 35.32
C SER A 158 -3.30 13.94 34.03
N VAL A 159 -3.78 12.70 34.02
CA VAL A 159 -3.85 11.86 32.83
CA VAL A 159 -3.87 11.93 32.78
C VAL A 159 -5.25 11.28 32.76
N SER A 160 -5.89 11.34 31.60
CA SER A 160 -7.21 10.78 31.45
C SER A 160 -7.22 9.79 30.29
N LEU A 161 -8.06 8.77 30.40
CA LEU A 161 -8.20 7.75 29.37
C LEU A 161 -9.64 7.78 28.86
N HIS A 162 -9.78 7.64 27.55
CA HIS A 162 -11.09 7.65 26.90
C HIS A 162 -11.17 6.53 25.88
N LEU A 163 -12.20 5.71 25.98
CA LEU A 163 -12.40 4.57 25.08
C LEU A 163 -13.83 4.53 24.56
N TRP A 164 -13.98 4.44 23.24
CA TRP A 164 -15.30 4.35 22.62
C TRP A 164 -15.73 2.88 22.63
N ALA A 165 -16.76 2.58 23.40
CA ALA A 165 -17.26 1.20 23.49
C ALA A 165 -18.74 1.18 23.89
N PRO A 166 -19.61 1.67 22.98
CA PRO A 166 -21.02 1.83 23.31
C PRO A 166 -21.79 0.54 23.58
N THR A 167 -21.27 -0.62 23.13
CA THR A 167 -21.95 -1.90 23.38
C THR A 167 -21.45 -2.61 24.64
N ALA A 168 -20.38 -2.11 25.23
CA ALA A 168 -19.81 -2.68 26.44
C ALA A 168 -20.73 -2.49 27.64
N GLN A 169 -20.79 -3.50 28.50
CA GLN A 169 -21.54 -3.41 29.75
C GLN A 169 -20.68 -2.80 30.87
N GLY A 170 -19.37 -2.91 30.74
CA GLY A 170 -18.44 -2.38 31.72
C GLY A 170 -17.05 -2.24 31.15
N VAL A 171 -16.33 -1.23 31.63
CA VAL A 171 -14.95 -1.03 31.26
C VAL A 171 -14.17 -0.59 32.48
N SER A 172 -13.08 -1.30 32.74
CA SER A 172 -12.11 -0.90 33.76
C SER A 172 -10.73 -0.80 33.11
N VAL A 173 -9.81 -0.13 33.79
CA VAL A 173 -8.40 -0.17 33.40
C VAL A 173 -7.59 -0.87 34.47
N CYS A 174 -6.71 -1.77 34.02
CA CYS A 174 -5.76 -2.47 34.90
CA CYS A 174 -5.78 -2.48 34.90
C CYS A 174 -4.38 -1.93 34.66
N PHE A 175 -3.76 -1.42 35.72
CA PHE A 175 -2.42 -0.87 35.65
C PHE A 175 -1.41 -1.86 36.15
N PHE A 176 -0.27 -1.89 35.47
CA PHE A 176 0.87 -2.68 35.85
C PHE A 176 2.02 -1.68 35.99
N ASP A 177 2.90 -1.92 36.97
CA ASP A 177 4.22 -1.28 36.97
C ASP A 177 5.13 -2.21 36.19
N GLY A 178 5.55 -1.75 35.04
CA GLY A 178 6.47 -2.49 34.22
C GLY A 178 5.79 -3.32 33.17
N PRO A 179 6.55 -3.72 32.15
CA PRO A 179 6.03 -4.56 31.09
C PRO A 179 5.74 -6.01 31.54
N ALA A 180 6.39 -6.47 32.61
CA ALA A 180 6.25 -7.87 33.03
C ALA A 180 5.64 -8.09 34.43
N GLY A 181 5.53 -7.05 35.25
CA GLY A 181 5.07 -7.22 36.62
C GLY A 181 3.57 -7.47 36.76
N PRO A 182 3.11 -7.76 37.99
CA PRO A 182 1.71 -8.06 38.25
C PRO A 182 0.83 -6.80 38.27
N ALA A 183 -0.47 -7.02 38.21
CA ALA A 183 -1.45 -5.94 38.30
C ALA A 183 -1.26 -5.22 39.62
N LEU A 184 -1.21 -3.89 39.58
CA LEU A 184 -1.08 -3.12 40.81
C LEU A 184 -2.39 -2.48 41.26
N GLU A 185 -3.30 -2.28 40.32
CA GLU A 185 -4.51 -1.52 40.59
C GLU A 185 -5.46 -1.61 39.40
N THR A 186 -6.76 -1.75 39.69
CA THR A 186 -7.79 -1.67 38.67
C THR A 186 -8.67 -0.49 39.02
N VAL A 187 -9.07 0.28 38.01
CA VAL A 187 -9.91 1.46 38.19
C VAL A 187 -11.07 1.40 37.21
N GLN A 188 -12.27 1.71 37.69
CA GLN A 188 -13.47 1.68 36.86
C GLN A 188 -13.59 2.93 36.02
N LEU A 189 -13.98 2.78 34.76
CA LEU A 189 -14.30 3.92 33.90
C LEU A 189 -15.81 4.13 33.95
N LYS A 190 -16.23 5.36 33.64
CA LYS A 190 -17.65 5.74 33.64
C LYS A 190 -18.05 6.14 32.22
N GLU A 191 -19.19 5.65 31.76
CA GLU A 191 -19.62 5.89 30.38
C GLU A 191 -20.44 7.16 30.27
N SER A 192 -20.16 7.94 29.23
CA SER A 192 -21.04 9.03 28.80
C SER A 192 -21.08 9.01 27.28
N ASN A 193 -22.29 8.94 26.72
CA ASN A 193 -22.48 8.96 25.26
C ASN A 193 -21.61 7.92 24.54
N GLY A 194 -21.57 6.71 25.08
CA GLY A 194 -20.84 5.61 24.44
C GLY A 194 -19.34 5.56 24.70
N VAL A 195 -18.83 6.56 25.42
CA VAL A 195 -17.41 6.72 25.66
C VAL A 195 -17.12 6.55 27.13
N TRP A 196 -16.19 5.65 27.42
CA TRP A 196 -15.81 5.33 28.79
C TRP A 196 -14.57 6.14 29.10
N SER A 197 -14.58 6.81 30.26
CA SER A 197 -13.44 7.65 30.65
CA SER A 197 -13.47 7.69 30.65
C SER A 197 -13.14 7.58 32.14
N VAL A 198 -11.91 7.93 32.48
CA VAL A 198 -11.51 8.08 33.87
C VAL A 198 -10.34 9.05 33.85
N THR A 199 -10.23 9.84 34.92
CA THR A 199 -9.12 10.76 35.08
C THR A 199 -8.36 10.37 36.33
N GLY A 200 -7.03 10.40 36.23
CA GLY A 200 -6.15 10.12 37.36
C GLY A 200 -5.04 11.13 37.49
N PRO A 201 -4.13 10.92 38.45
CA PRO A 201 -3.03 11.86 38.69
C PRO A 201 -1.94 11.77 37.63
N ARG A 202 -1.06 12.77 37.59
CA ARG A 202 0.01 12.79 36.59
C ARG A 202 0.95 11.59 36.73
N GLU A 203 1.08 11.04 37.94
CA GLU A 203 1.92 9.85 38.20
C GLU A 203 1.54 8.60 37.40
N TRP A 204 0.33 8.57 36.85
CA TRP A 204 -0.09 7.51 35.94
C TRP A 204 0.78 7.44 34.69
N GLU A 205 1.44 8.55 34.34
CA GLU A 205 2.34 8.60 33.19
C GLU A 205 3.39 7.50 33.26
N ASN A 206 3.57 6.80 32.15
CA ASN A 206 4.53 5.70 31.98
C ASN A 206 4.20 4.38 32.69
N ARG A 207 3.02 4.28 33.29
CA ARG A 207 2.50 2.98 33.69
C ARG A 207 2.16 2.18 32.43
N TYR A 208 2.07 0.86 32.58
CA TYR A 208 1.51 0.01 31.54
C TYR A 208 0.07 -0.33 31.92
N TYR A 209 -0.77 -0.55 30.91
CA TYR A 209 -2.17 -0.83 31.16
C TYR A 209 -2.83 -1.68 30.10
N LEU A 210 -3.97 -2.26 30.48
CA LEU A 210 -4.93 -2.87 29.59
C LEU A 210 -6.32 -2.47 30.03
N TYR A 211 -7.26 -2.47 29.09
CA TYR A 211 -8.68 -2.31 29.42
C TYR A 211 -9.29 -3.68 29.69
N GLU A 212 -10.13 -3.76 30.73
CA GLU A 212 -10.99 -4.91 30.93
C GLU A 212 -12.36 -4.50 30.42
N VAL A 213 -12.79 -5.14 29.34
CA VAL A 213 -14.03 -4.79 28.68
C VAL A 213 -15.00 -5.98 28.75
N ASP A 214 -16.16 -5.77 29.37
CA ASP A 214 -17.22 -6.78 29.40
C ASP A 214 -18.19 -6.48 28.27
N VAL A 215 -18.25 -7.35 27.27
CA VAL A 215 -19.04 -7.06 26.08
C VAL A 215 -19.55 -8.33 25.40
N TYR A 216 -20.73 -8.21 24.80
CA TYR A 216 -21.37 -9.29 24.06
C TYR A 216 -20.64 -9.56 22.74
N HIS A 217 -20.12 -10.77 22.60
CA HIS A 217 -19.42 -11.21 21.39
C HIS A 217 -20.29 -12.16 20.57
N PRO A 218 -20.75 -11.73 19.38
CA PRO A 218 -21.64 -12.56 18.56
C PRO A 218 -21.09 -13.94 18.21
N THR A 219 -19.77 -14.04 18.02
CA THR A 219 -19.15 -15.31 17.61
C THR A 219 -19.24 -16.39 18.68
N LYS A 220 -19.43 -15.99 19.94
CA LYS A 220 -19.57 -16.94 21.04
C LYS A 220 -20.95 -16.89 21.70
N ALA A 221 -21.80 -15.95 21.29
CA ALA A 221 -23.13 -15.75 21.90
C ALA A 221 -23.05 -15.67 23.42
N GLN A 222 -22.07 -14.92 23.91
CA GLN A 222 -21.83 -14.73 25.33
C GLN A 222 -21.31 -13.33 25.59
N VAL A 223 -21.62 -12.80 26.77
CA VAL A 223 -20.97 -11.61 27.30
C VAL A 223 -19.64 -12.08 27.88
N LEU A 224 -18.55 -11.50 27.40
CA LEU A 224 -17.20 -11.95 27.76
C LEU A 224 -16.37 -10.81 28.33
N LYS A 225 -15.51 -11.16 29.28
CA LYS A 225 -14.51 -10.27 29.85
C LYS A 225 -13.29 -10.33 28.94
N CYS A 226 -12.97 -9.22 28.28
CA CYS A 226 -11.86 -9.15 27.35
C CYS A 226 -10.80 -8.17 27.86
N LEU A 227 -9.54 -8.57 27.77
CA LEU A 227 -8.41 -7.71 28.13
C LEU A 227 -7.80 -7.19 26.83
N ALA A 228 -7.96 -5.88 26.61
CA ALA A 228 -7.62 -5.29 25.32
C ALA A 228 -6.71 -4.07 25.45
N GLY A 229 -5.82 -3.89 24.48
CA GLY A 229 -4.99 -2.70 24.39
C GLY A 229 -5.85 -1.52 23.95
N ASP A 230 -5.23 -0.34 23.89
CA ASP A 230 -5.91 0.88 23.49
C ASP A 230 -5.83 1.06 21.97
N PRO A 231 -6.97 1.19 21.28
CA PRO A 231 -6.89 1.50 19.84
C PRO A 231 -6.05 2.73 19.53
N TYR A 232 -6.00 3.67 20.45
CA TYR A 232 -5.24 4.93 20.31
C TYR A 232 -3.85 4.87 20.96
N ALA A 233 -3.35 3.65 21.18
CA ALA A 233 -2.01 3.47 21.75
C ALA A 233 -0.96 4.22 20.96
N ARG A 234 0.01 4.78 21.66
CA ARG A 234 1.18 5.39 21.02
C ARG A 234 2.47 4.63 21.35
N SER A 235 2.43 3.77 22.36
CA SER A 235 3.49 2.78 22.54
C SER A 235 2.97 1.54 23.27
N LEU A 236 3.78 0.49 23.25
CA LEU A 236 3.40 -0.83 23.72
C LEU A 236 4.60 -1.53 24.34
N SER A 237 4.33 -2.51 25.22
CA SER A 237 5.35 -3.48 25.60
C SER A 237 5.56 -4.45 24.43
N ALA A 238 6.48 -5.39 24.61
CA ALA A 238 6.74 -6.40 23.60
C ALA A 238 5.44 -7.07 23.16
N ASN A 239 5.28 -7.17 21.85
CA ASN A 239 4.14 -7.84 21.22
C ASN A 239 2.77 -7.19 21.50
N GLY A 240 2.79 -5.95 21.98
CA GLY A 240 1.54 -5.28 22.32
C GLY A 240 0.82 -5.91 23.51
N ALA A 241 1.55 -6.65 24.34
CA ALA A 241 0.92 -7.32 25.48
C ALA A 241 0.27 -6.31 26.43
N ARG A 242 0.91 -5.15 26.60
CA ARG A 242 0.36 -4.07 27.40
C ARG A 242 0.57 -2.75 26.68
N THR A 243 -0.24 -1.76 27.01
CA THR A 243 -0.11 -0.42 26.42
C THR A 243 0.71 0.45 27.36
N TRP A 244 1.69 1.17 26.80
CA TRP A 244 2.52 2.07 27.60
C TRP A 244 1.89 3.45 27.65
N LEU A 245 1.60 3.95 28.86
CA LEU A 245 0.91 5.23 29.01
C LEU A 245 1.89 6.40 28.88
N VAL A 246 2.44 6.54 27.68
CA VAL A 246 3.50 7.50 27.37
C VAL A 246 2.93 8.83 26.88
N ASP A 247 3.57 9.93 27.26
CA ASP A 247 3.22 11.23 26.71
C ASP A 247 4.08 11.43 25.46
N ILE A 248 3.43 11.37 24.30
CA ILE A 248 4.13 11.37 23.01
C ILE A 248 4.89 12.69 22.78
N ASN A 249 4.52 13.75 23.49
CA ASN A 249 5.20 15.04 23.38
C ASN A 249 6.37 15.26 24.35
N ASN A 250 6.70 14.23 25.13
CA ASN A 250 7.80 14.35 26.08
C ASN A 250 9.13 14.64 25.36
N GLU A 251 9.88 15.61 25.87
CA GLU A 251 11.13 16.04 25.24
C GLU A 251 12.16 14.92 25.09
N THR A 252 12.18 13.97 26.03
CA THR A 252 13.16 12.88 25.99
C THR A 252 12.90 11.89 24.83
N LEU A 253 11.73 11.96 24.23
CA LEU A 253 11.42 11.13 23.07
C LEU A 253 11.90 11.72 21.74
N LYS A 254 12.42 12.95 21.79
CA LYS A 254 12.83 13.68 20.59
C LYS A 254 14.33 13.54 20.33
N PRO A 255 14.71 13.15 19.11
CA PRO A 255 16.13 13.25 18.75
C PRO A 255 16.60 14.69 18.81
N ALA A 256 17.90 14.90 18.90
CA ALA A 256 18.46 16.24 18.85
C ALA A 256 18.00 16.95 17.57
N SER A 257 17.49 18.16 17.73
CA SER A 257 17.02 19.03 16.64
C SER A 257 15.69 18.59 16.01
N TRP A 258 14.96 17.70 16.67
CA TRP A 258 13.71 17.16 16.13
C TRP A 258 12.75 18.28 15.72
N ASP A 259 12.54 19.23 16.63
CA ASP A 259 11.58 20.31 16.37
C ASP A 259 11.94 21.23 15.19
N GLU A 260 13.19 21.17 14.73
CA GLU A 260 13.63 21.94 13.57
C GLU A 260 13.68 21.11 12.26
N LEU A 261 13.13 19.89 12.28
CA LEU A 261 13.24 19.02 11.11
C LEU A 261 12.52 19.59 9.88
N ALA A 262 11.36 20.23 10.08
CA ALA A 262 10.65 20.83 8.94
C ALA A 262 11.57 21.72 8.11
N ASP A 263 12.40 22.51 8.78
CA ASP A 263 13.36 23.41 8.10
C ASP A 263 14.46 22.65 7.35
N GLU A 264 14.77 21.45 7.84
CA GLU A 264 15.82 20.60 7.26
C GLU A 264 15.30 19.64 6.18
N LYS A 265 13.99 19.56 6.01
CA LYS A 265 13.41 18.59 5.08
C LYS A 265 13.77 18.93 3.64
N PRO A 266 13.98 17.88 2.80
CA PRO A 266 14.25 18.10 1.38
C PRO A 266 13.15 18.93 0.74
N LYS A 267 13.54 19.95 -0.03
CA LYS A 267 12.55 20.76 -0.74
C LYS A 267 11.76 19.88 -1.71
N LEU A 268 10.46 20.15 -1.80
CA LEU A 268 9.58 19.51 -2.80
C LEU A 268 8.69 20.59 -3.38
N ASP A 269 9.03 21.05 -4.58
CA ASP A 269 8.31 22.14 -5.21
C ASP A 269 6.92 21.71 -5.64
N SER A 270 6.77 20.44 -5.98
CA SER A 270 5.53 19.94 -6.56
C SER A 270 5.51 18.41 -6.51
N PHE A 271 4.32 17.84 -6.41
CA PHE A 271 4.18 16.38 -6.43
C PHE A 271 4.66 15.78 -7.75
N SER A 272 4.69 16.59 -8.82
CA SER A 272 5.16 16.10 -10.12
CA SER A 272 5.17 16.12 -10.13
C SER A 272 6.65 15.75 -10.10
N ASP A 273 7.38 16.21 -9.08
CA ASP A 273 8.81 15.92 -8.96
C ASP A 273 9.12 14.63 -8.18
N ILE A 274 8.09 13.90 -7.77
CA ILE A 274 8.28 12.72 -6.93
C ILE A 274 8.79 11.53 -7.72
N THR A 275 9.78 10.84 -7.15
CA THR A 275 10.09 9.45 -7.52
C THR A 275 10.11 8.64 -6.23
N ILE A 276 9.69 7.38 -6.33
CA ILE A 276 9.53 6.53 -5.17
C ILE A 276 10.37 5.25 -5.24
N TYR A 277 10.96 4.89 -4.10
CA TYR A 277 11.81 3.71 -3.95
C TYR A 277 11.20 2.89 -2.81
N GLU A 278 10.76 1.67 -3.11
CA GLU A 278 10.01 0.84 -2.16
C GLU A 278 10.90 -0.17 -1.43
N LEU A 279 11.02 -0.02 -0.11
CA LEU A 279 12.02 -0.70 0.68
C LEU A 279 11.45 -1.30 1.98
N HIS A 280 11.88 -2.52 2.30
CA HIS A 280 11.56 -3.18 3.57
C HIS A 280 12.68 -2.92 4.59
N ILE A 281 12.30 -2.56 5.80
CA ILE A 281 13.24 -2.15 6.85
C ILE A 281 14.27 -3.23 7.19
N ARG A 282 13.82 -4.47 7.33
CA ARG A 282 14.77 -5.53 7.62
C ARG A 282 15.65 -5.86 6.41
N ASP A 283 15.08 -5.93 5.20
CA ASP A 283 15.87 -6.19 3.98
C ASP A 283 17.05 -5.21 3.88
N PHE A 284 16.80 -3.97 4.27
CA PHE A 284 17.78 -2.90 4.12
C PHE A 284 19.12 -3.23 4.78
N SER A 285 19.08 -3.82 5.98
CA SER A 285 20.29 -3.91 6.79
C SER A 285 20.57 -5.28 7.40
N ALA A 286 19.72 -6.27 7.16
CA ALA A 286 19.89 -7.59 7.74
C ALA A 286 21.24 -8.21 7.40
N HIS A 287 21.67 -8.02 6.14
CA HIS A 287 22.93 -8.57 5.63
C HIS A 287 24.07 -7.54 5.60
N ASP A 288 23.85 -6.34 6.12
CA ASP A 288 24.82 -5.26 5.92
C ASP A 288 25.91 -5.29 6.98
N GLY A 289 27.06 -5.88 6.62
CA GLY A 289 28.20 -5.99 7.54
C GLY A 289 28.84 -4.70 7.99
N THR A 290 28.54 -3.59 7.33
CA THR A 290 29.06 -2.28 7.74
C THR A 290 28.22 -1.66 8.85
N VAL A 291 27.09 -2.30 9.18
CA VAL A 291 26.28 -1.92 10.34
C VAL A 291 26.61 -2.86 11.50
N ASP A 292 26.70 -2.29 12.69
CA ASP A 292 26.94 -3.05 13.93
C ASP A 292 25.95 -4.20 14.06
N SER A 293 26.44 -5.40 14.36
CA SER A 293 25.60 -6.60 14.53
C SER A 293 24.29 -6.33 15.27
N ASP A 294 24.40 -5.69 16.43
CA ASP A 294 23.27 -5.46 17.31
C ASP A 294 22.24 -4.50 16.72
N SER A 295 22.63 -3.73 15.71
CA SER A 295 21.76 -2.72 15.12
C SER A 295 21.31 -3.04 13.69
N ARG A 296 21.45 -4.30 13.25
CA ARG A 296 21.01 -4.69 11.92
C ARG A 296 19.55 -5.12 11.95
N GLY A 297 18.79 -4.71 10.94
CA GLY A 297 17.43 -5.20 10.72
C GLY A 297 16.31 -4.27 11.11
N GLY A 298 16.62 -3.13 11.73
CA GLY A 298 15.60 -2.26 12.31
C GLY A 298 15.79 -0.78 12.06
N PHE A 299 15.11 0.04 12.86
CA PHE A 299 15.13 1.49 12.67
C PHE A 299 16.53 2.08 12.81
N ARG A 300 17.29 1.58 13.78
CA ARG A 300 18.63 2.12 14.10
C ARG A 300 19.63 2.02 12.96
N ALA A 301 19.47 1.04 12.09
CA ALA A 301 20.36 0.89 10.94
C ALA A 301 20.37 2.12 10.03
N PHE A 302 19.30 2.91 10.04
CA PHE A 302 19.23 4.12 9.22
C PHE A 302 20.07 5.29 9.79
N ALA A 303 20.46 5.19 11.06
CA ALA A 303 21.27 6.22 11.70
C ALA A 303 22.75 6.16 11.33
N TYR A 304 23.16 5.04 10.72
CA TYR A 304 24.55 4.82 10.29
C TYR A 304 24.75 5.44 8.89
N GLN A 305 25.00 6.74 8.85
CA GLN A 305 25.14 7.46 7.58
C GLN A 305 26.24 6.96 6.64
N ALA A 306 27.30 6.39 7.21
CA ALA A 306 28.44 5.89 6.43
C ALA A 306 28.33 4.40 6.05
N SER A 307 27.21 3.75 6.39
CA SER A 307 27.01 2.34 6.04
C SER A 307 26.88 2.16 4.53
N ALA A 308 27.10 0.93 4.05
CA ALA A 308 26.96 0.65 2.63
C ALA A 308 25.51 0.93 2.19
N GLY A 309 24.55 0.56 3.02
CA GLY A 309 23.13 0.81 2.75
C GLY A 309 22.77 2.28 2.62
N MET A 310 23.22 3.09 3.58
CA MET A 310 22.89 4.52 3.57
C MET A 310 23.69 5.27 2.49
N GLU A 311 24.89 4.82 2.17
CA GLU A 311 25.64 5.40 1.05
C GLU A 311 24.95 5.09 -0.28
N HIS A 312 24.33 3.92 -0.36
CA HIS A 312 23.57 3.53 -1.54
C HIS A 312 22.36 4.46 -1.69
N LEU A 313 21.60 4.65 -0.63
CA LEU A 313 20.45 5.56 -0.70
C LEU A 313 20.88 6.98 -1.01
N ARG A 314 22.01 7.41 -0.45
CA ARG A 314 22.53 8.75 -0.73
C ARG A 314 22.84 8.94 -2.21
N LYS A 315 23.45 7.92 -2.81
CA LYS A 315 23.77 7.90 -4.24
C LYS A 315 22.51 8.07 -5.10
N LEU A 316 21.45 7.34 -4.75
CA LEU A 316 20.18 7.47 -5.45
C LEU A 316 19.56 8.84 -5.21
N SER A 317 19.58 9.30 -3.97
CA SER A 317 19.07 10.63 -3.63
C SER A 317 19.78 11.72 -4.41
N ASP A 318 21.11 11.67 -4.44
CA ASP A 318 21.91 12.61 -5.21
C ASP A 318 21.55 12.62 -6.70
N ALA A 319 21.19 11.46 -7.25
CA ALA A 319 20.78 11.34 -8.66
C ALA A 319 19.40 11.95 -8.93
N GLY A 320 18.58 12.10 -7.89
CA GLY A 320 17.25 12.66 -8.05
C GLY A 320 16.13 12.00 -7.28
N LEU A 321 16.36 10.78 -6.78
CA LEU A 321 15.33 10.06 -6.02
C LEU A 321 14.80 10.93 -4.87
N THR A 322 13.49 11.04 -4.73
CA THR A 322 12.92 11.93 -3.71
C THR A 322 12.32 11.24 -2.50
N HIS A 323 11.70 10.06 -2.68
CA HIS A 323 10.92 9.43 -1.62
C HIS A 323 11.25 7.97 -1.42
N VAL A 324 11.33 7.55 -0.15
CA VAL A 324 11.47 6.14 0.17
CA VAL A 324 11.48 6.15 0.19
C VAL A 324 10.19 5.68 0.87
N HIS A 325 9.57 4.66 0.28
CA HIS A 325 8.36 4.04 0.76
C HIS A 325 8.82 2.83 1.56
N LEU A 326 8.53 2.85 2.86
CA LEU A 326 8.91 1.77 3.77
C LEU A 326 7.73 0.82 3.93
N LEU A 327 7.98 -0.47 3.82
CA LEU A 327 6.95 -1.47 4.08
C LEU A 327 6.47 -1.36 5.54
N PRO A 328 5.33 -2.02 5.87
CA PRO A 328 4.65 -1.79 7.14
C PRO A 328 5.57 -1.71 8.35
N SER A 329 5.42 -0.64 9.12
CA SER A 329 6.32 -0.38 10.24
C SER A 329 5.59 -0.03 11.53
N PHE A 330 4.28 -0.24 11.54
CA PHE A 330 3.46 -0.09 12.74
C PHE A 330 3.40 -1.46 13.42
N HIS A 331 2.61 -1.57 14.47
CA HIS A 331 2.52 -2.83 15.21
C HIS A 331 1.69 -3.88 14.45
N PHE A 332 2.40 -4.81 13.83
CA PHE A 332 1.83 -5.94 13.08
C PHE A 332 2.20 -7.28 13.71
N ALA A 333 1.40 -8.31 13.42
CA ALA A 333 1.68 -9.67 13.88
C ALA A 333 2.53 -10.42 12.86
N GLY A 334 3.18 -11.50 13.30
CA GLY A 334 3.94 -12.39 12.44
C GLY A 334 5.43 -12.37 12.71
N VAL A 335 5.87 -11.42 13.53
CA VAL A 335 7.24 -11.39 14.05
C VAL A 335 7.19 -11.14 15.54
N ASP A 336 7.90 -11.96 16.30
CA ASP A 336 7.96 -11.80 17.74
C ASP A 336 8.88 -10.62 18.05
N ASP A 337 8.42 -9.70 18.89
CA ASP A 337 9.24 -8.57 19.34
C ASP A 337 10.38 -9.00 20.27
N ILE A 338 10.25 -10.20 20.86
CA ILE A 338 11.23 -10.74 21.79
C ILE A 338 12.31 -11.47 20.99
N LYS A 339 13.45 -10.81 20.82
CA LYS A 339 14.52 -11.25 19.94
C LYS A 339 15.14 -12.59 20.34
N SER A 340 15.12 -12.90 21.64
CA SER A 340 15.63 -14.18 22.12
C SER A 340 14.83 -15.38 21.58
N ASN A 341 13.64 -15.15 21.02
CA ASN A 341 12.88 -16.22 20.37
C ASN A 341 13.16 -16.42 18.88
N TRP A 342 13.98 -15.54 18.30
CA TRP A 342 14.25 -15.60 16.87
C TRP A 342 15.11 -16.80 16.49
N LYS A 343 14.76 -17.43 15.37
CA LYS A 343 15.52 -18.54 14.80
C LYS A 343 16.15 -18.16 13.47
N PHE A 344 17.23 -18.84 13.12
CA PHE A 344 18.03 -18.54 11.93
C PHE A 344 18.46 -19.81 11.24
N VAL A 345 18.56 -19.78 9.92
CA VAL A 345 19.17 -20.88 9.17
C VAL A 345 20.69 -20.81 9.30
N ASP A 346 21.35 -21.92 9.00
CA ASP A 346 22.80 -21.95 8.88
C ASP A 346 23.14 -21.50 7.46
N GLU A 347 23.50 -20.24 7.32
CA GLU A 347 23.81 -19.66 6.00
C GLU A 347 24.96 -20.34 5.30
N CYS A 348 25.94 -20.82 6.07
CA CYS A 348 27.07 -21.52 5.49
C CYS A 348 26.61 -22.83 4.86
N GLU A 349 25.82 -23.60 5.60
CA GLU A 349 25.27 -24.84 5.09
C GLU A 349 24.38 -24.63 3.85
N LEU A 350 23.48 -23.66 3.92
CA LEU A 350 22.58 -23.40 2.78
C LEU A 350 23.34 -22.97 1.52
N ALA A 351 24.42 -22.22 1.70
CA ALA A 351 25.24 -21.76 0.59
C ALA A 351 25.95 -22.92 -0.13
N THR A 352 26.09 -24.06 0.55
CA THR A 352 26.68 -25.25 -0.07
C THR A 352 25.69 -25.98 -0.99
N PHE A 353 24.38 -25.80 -0.78
CA PHE A 353 23.38 -26.54 -1.54
C PHE A 353 23.34 -26.06 -3.00
N PRO A 354 22.88 -26.94 -3.92
CA PRO A 354 22.82 -26.56 -5.34
C PRO A 354 21.82 -25.43 -5.66
N PRO A 355 22.09 -24.64 -6.71
CA PRO A 355 21.27 -23.47 -7.02
C PRO A 355 19.79 -23.77 -7.31
N GLY A 356 19.47 -24.98 -7.77
CA GLY A 356 18.09 -25.38 -8.07
C GLY A 356 17.52 -26.41 -7.12
N SER A 357 18.18 -26.61 -5.98
CA SER A 357 17.74 -27.53 -4.95
C SER A 357 16.54 -26.97 -4.19
N ASP A 358 15.76 -27.87 -3.60
CA ASP A 358 14.65 -27.49 -2.73
C ASP A 358 15.03 -27.53 -1.25
N MET A 359 16.32 -27.70 -0.94
CA MET A 359 16.78 -27.84 0.44
C MET A 359 16.81 -26.50 1.17
N GLN A 360 17.17 -25.43 0.47
CA GLN A 360 17.24 -24.11 1.08
C GLN A 360 15.85 -23.70 1.59
N GLN A 361 14.84 -23.80 0.73
CA GLN A 361 13.49 -23.39 1.10
C GLN A 361 12.92 -24.27 2.23
N ALA A 362 13.25 -25.57 2.23
CA ALA A 362 12.85 -26.44 3.34
C ALA A 362 13.40 -25.92 4.67
N ALA A 363 14.67 -25.55 4.69
CA ALA A 363 15.31 -25.03 5.90
C ALA A 363 14.70 -23.70 6.35
N VAL A 364 14.42 -22.83 5.39
CA VAL A 364 13.77 -21.55 5.66
C VAL A 364 12.34 -21.77 6.18
N VAL A 365 11.58 -22.60 5.48
CA VAL A 365 10.18 -22.84 5.84
C VAL A 365 10.06 -23.47 7.23
N ALA A 366 11.06 -24.26 7.63
CA ALA A 366 11.04 -24.92 8.94
C ALA A 366 10.98 -23.94 10.10
N ILE A 367 11.55 -22.75 9.92
CA ILE A 367 11.59 -21.74 10.98
C ILE A 367 10.93 -20.41 10.61
N GLN A 368 10.21 -20.37 9.49
CA GLN A 368 9.65 -19.10 8.99
C GLN A 368 8.61 -18.48 9.93
N GLU A 369 8.02 -19.28 10.81
CA GLU A 369 7.07 -18.76 11.78
C GLU A 369 7.74 -18.25 13.05
N GLU A 370 9.05 -18.45 13.16
CA GLU A 370 9.80 -18.01 14.35
C GLU A 370 11.05 -17.23 14.00
N ASP A 371 11.14 -16.72 12.78
CA ASP A 371 12.30 -15.94 12.39
C ASP A 371 11.97 -14.44 12.54
N PRO A 372 12.94 -13.54 12.29
CA PRO A 372 12.66 -12.12 12.46
C PRO A 372 11.90 -11.47 11.30
N TYR A 373 11.40 -12.28 10.37
CA TYR A 373 11.00 -11.79 9.05
C TYR A 373 9.51 -11.85 8.73
N ASN A 374 8.93 -10.71 8.36
CA ASN A 374 7.64 -10.66 7.67
C ASN A 374 7.47 -9.30 7.03
N TRP A 375 6.84 -9.25 5.86
CA TRP A 375 6.54 -7.95 5.24
C TRP A 375 5.75 -7.04 6.18
N GLY A 376 4.81 -7.62 6.92
CA GLY A 376 4.09 -6.90 7.96
C GLY A 376 2.67 -6.48 7.64
N TYR A 377 2.05 -7.07 6.62
CA TYR A 377 0.67 -6.75 6.25
C TYR A 377 -0.37 -7.48 7.14
N ASN A 378 -0.15 -7.45 8.45
CA ASN A 378 -0.99 -8.12 9.46
C ASN A 378 -1.29 -7.16 10.61
N PRO A 379 -2.18 -6.17 10.40
CA PRO A 379 -2.24 -5.08 11.37
C PRO A 379 -2.85 -5.44 12.71
N VAL A 380 -2.25 -4.92 13.78
CA VAL A 380 -2.81 -5.04 15.11
C VAL A 380 -3.15 -3.64 15.66
N LEU A 381 -2.13 -2.81 15.88
CA LEU A 381 -2.34 -1.40 16.24
C LEU A 381 -1.57 -0.45 15.33
N TRP A 382 -2.31 0.41 14.65
CA TRP A 382 -1.77 1.23 13.58
C TRP A 382 -0.83 2.34 14.04
N GLY A 383 -1.00 2.81 15.27
CA GLY A 383 -0.35 4.03 15.73
C GLY A 383 0.96 3.91 16.47
N VAL A 384 1.49 2.69 16.57
CA VAL A 384 2.70 2.41 17.32
C VAL A 384 3.74 1.79 16.39
N PRO A 385 5.00 2.23 16.48
CA PRO A 385 6.07 1.55 15.75
C PRO A 385 6.24 0.07 16.12
N LYS A 386 6.59 -0.76 15.13
CA LYS A 386 6.83 -2.20 15.36
C LYS A 386 7.99 -2.43 16.30
N GLY A 387 7.74 -3.18 17.38
CA GLY A 387 8.74 -3.41 18.42
C GLY A 387 9.96 -4.20 17.96
N SER A 388 9.76 -5.12 17.03
CA SER A 388 10.86 -5.97 16.54
C SER A 388 11.94 -5.16 15.81
N TYR A 389 11.58 -3.98 15.31
CA TYR A 389 12.50 -3.07 14.62
C TYR A 389 13.20 -2.09 15.55
N ALA A 390 12.84 -2.13 16.84
CA ALA A 390 13.46 -1.29 17.88
C ALA A 390 14.56 -2.07 18.59
N SER A 391 15.49 -1.35 19.20
CA SER A 391 16.55 -2.00 19.98
C SER A 391 15.99 -2.69 21.23
N ASP A 392 14.95 -2.11 21.82
CA ASP A 392 14.31 -2.65 23.02
C ASP A 392 12.80 -2.44 22.89
N PRO A 393 12.01 -3.53 22.83
CA PRO A 393 10.58 -3.36 22.60
C PRO A 393 9.78 -2.83 23.80
N ASP A 394 10.42 -2.74 24.97
CA ASP A 394 9.83 -2.10 26.14
C ASP A 394 10.42 -0.71 26.31
N GLY A 395 9.57 0.25 26.66
CA GLY A 395 10.02 1.62 26.88
C GLY A 395 10.10 2.43 25.61
N PRO A 396 10.93 3.49 25.60
CA PRO A 396 10.86 4.53 24.58
C PRO A 396 11.60 4.28 23.25
N SER A 397 12.44 3.25 23.16
CA SER A 397 13.32 3.12 22.00
C SER A 397 12.58 3.07 20.67
N ARG A 398 11.42 2.40 20.63
CA ARG A 398 10.67 2.31 19.37
C ARG A 398 10.20 3.67 18.87
N ILE A 399 9.92 4.60 19.79
CA ILE A 399 9.52 5.95 19.41
C ILE A 399 10.72 6.77 18.92
N ILE A 400 11.77 6.88 19.73
CA ILE A 400 12.93 7.73 19.40
CA ILE A 400 12.87 7.77 19.37
C ILE A 400 13.63 7.22 18.16
N GLU A 401 13.76 5.90 18.04
CA GLU A 401 14.48 5.31 16.92
C GLU A 401 13.72 5.46 15.59
N TYR A 402 12.39 5.42 15.65
CA TYR A 402 11.60 5.69 14.45
C TYR A 402 11.84 7.13 13.98
N ARG A 403 11.82 8.05 14.93
CA ARG A 403 12.08 9.46 14.63
C ARG A 403 13.49 9.65 14.08
N GLN A 404 14.46 8.97 14.68
CA GLN A 404 15.85 9.03 14.20
C GLN A 404 15.98 8.54 12.77
N MET A 405 15.17 7.55 12.41
CA MET A 405 15.14 7.01 11.04
C MET A 405 14.61 8.03 10.05
N VAL A 406 13.50 8.67 10.39
CA VAL A 406 12.89 9.67 9.52
C VAL A 406 13.86 10.85 9.34
N GLN A 407 14.44 11.29 10.45
CA GLN A 407 15.41 12.37 10.43
C GLN A 407 16.62 12.05 9.56
N ALA A 408 17.16 10.85 9.72
CA ALA A 408 18.33 10.40 8.95
C ALA A 408 18.06 10.38 7.46
N LEU A 409 16.91 9.84 7.07
CA LEU A 409 16.54 9.78 5.66
C LEU A 409 16.37 11.19 5.09
N ASN A 410 15.64 12.05 5.81
CA ASN A 410 15.50 13.45 5.42
C ASN A 410 16.86 14.13 5.24
N ARG A 411 17.81 13.81 6.11
CA ARG A 411 19.14 14.46 6.07
C ARG A 411 20.03 14.02 4.92
N ILE A 412 19.74 12.88 4.30
CA ILE A 412 20.38 12.52 3.01
C ILE A 412 19.47 12.81 1.80
N GLY A 413 18.48 13.68 1.99
CA GLY A 413 17.65 14.20 0.91
C GLY A 413 16.43 13.39 0.51
N LEU A 414 16.01 12.46 1.37
CA LEU A 414 14.87 11.59 1.08
C LEU A 414 13.69 11.83 2.01
N ARG A 415 12.52 12.01 1.42
CA ARG A 415 11.26 12.04 2.18
C ARG A 415 10.77 10.62 2.42
N VAL A 416 9.99 10.43 3.48
CA VAL A 416 9.64 9.09 3.97
C VAL A 416 8.15 8.83 3.81
N VAL A 417 7.83 7.73 3.13
CA VAL A 417 6.45 7.31 2.94
C VAL A 417 6.22 6.06 3.77
N MET A 418 5.09 6.00 4.47
CA MET A 418 4.66 4.79 5.18
C MET A 418 3.65 4.00 4.36
N ASP A 419 3.86 2.68 4.34
CA ASP A 419 2.87 1.75 3.81
C ASP A 419 1.81 1.51 4.88
N VAL A 420 0.62 2.06 4.66
CA VAL A 420 -0.44 1.97 5.66
C VAL A 420 -1.46 0.92 5.24
N VAL A 421 -1.91 0.14 6.21
CA VAL A 421 -2.73 -1.05 5.95
C VAL A 421 -4.02 -0.95 6.76
N TYR A 422 -4.93 -0.09 6.29
CA TYR A 422 -6.16 0.22 7.02
C TYR A 422 -7.34 -0.69 6.63
N ASN A 423 -7.08 -1.60 5.69
CA ASN A 423 -8.12 -2.39 5.03
C ASN A 423 -8.48 -3.70 5.73
N HIS A 424 -7.66 -4.11 6.69
CA HIS A 424 -7.91 -5.36 7.39
C HIS A 424 -7.11 -5.48 8.67
N LEU A 425 -7.53 -6.43 9.50
CA LEU A 425 -6.88 -6.72 10.78
C LEU A 425 -6.33 -8.14 10.80
N ASP A 426 -5.24 -8.33 11.51
CA ASP A 426 -4.62 -9.64 11.65
C ASP A 426 -5.60 -10.61 12.28
N SER A 427 -6.31 -10.15 13.30
CA SER A 427 -7.15 -11.01 14.12
C SER A 427 -8.44 -10.32 14.51
N SER A 428 -9.44 -11.13 14.88
CA SER A 428 -10.68 -10.63 15.42
C SER A 428 -11.10 -11.50 16.60
N GLY A 429 -12.21 -11.13 17.23
CA GLY A 429 -12.79 -11.92 18.31
C GLY A 429 -12.28 -11.53 19.68
N PRO A 430 -12.79 -12.21 20.71
CA PRO A 430 -12.59 -11.84 22.11
C PRO A 430 -11.25 -12.28 22.71
N CYS A 431 -10.52 -13.16 22.02
CA CYS A 431 -9.34 -13.81 22.58
C CYS A 431 -8.08 -13.56 21.76
N GLY A 432 -6.92 -13.58 22.44
CA GLY A 432 -5.64 -13.51 21.76
C GLY A 432 -4.98 -12.14 21.84
N ILE A 433 -3.65 -12.16 21.90
CA ILE A 433 -2.86 -10.94 21.97
C ILE A 433 -2.98 -10.07 20.71
N SER A 434 -3.33 -10.70 19.58
CA SER A 434 -3.33 -10.00 18.28
C SER A 434 -4.65 -9.34 17.90
N SER A 435 -5.71 -9.62 18.66
CA SER A 435 -6.99 -8.96 18.44
C SER A 435 -7.15 -7.80 19.41
N VAL A 436 -7.34 -6.58 18.90
CA VAL A 436 -7.61 -5.43 19.76
C VAL A 436 -8.95 -4.76 19.43
N LEU A 437 -9.08 -4.22 18.23
CA LEU A 437 -10.28 -3.46 17.86
C LEU A 437 -11.57 -4.26 18.03
N ASP A 438 -11.55 -5.50 17.54
CA ASP A 438 -12.74 -6.35 17.57
C ASP A 438 -13.03 -6.95 18.94
N LYS A 439 -12.05 -6.98 19.85
CA LYS A 439 -12.31 -7.34 21.25
C LYS A 439 -13.25 -6.34 21.91
N ILE A 440 -13.05 -5.07 21.58
CA ILE A 440 -13.66 -3.98 22.32
C ILE A 440 -15.06 -3.65 21.83
N VAL A 441 -15.22 -3.48 20.52
CA VAL A 441 -16.52 -3.25 19.90
C VAL A 441 -16.73 -4.33 18.83
N PRO A 442 -17.07 -5.55 19.26
CA PRO A 442 -17.18 -6.64 18.30
C PRO A 442 -18.16 -6.36 17.15
N GLY A 443 -17.75 -6.72 15.93
CA GLY A 443 -18.61 -6.63 14.76
C GLY A 443 -18.78 -5.24 14.19
N TYR A 444 -17.92 -4.30 14.57
CA TYR A 444 -18.05 -2.90 14.15
C TYR A 444 -16.87 -2.40 13.32
N TYR A 445 -15.65 -2.65 13.78
CA TYR A 445 -14.46 -2.22 13.04
C TYR A 445 -14.24 -3.11 11.81
N VAL A 446 -14.85 -4.29 11.83
CA VAL A 446 -14.72 -5.27 10.76
C VAL A 446 -15.97 -5.26 9.88
N ARG A 447 -15.79 -5.43 8.58
CA ARG A 447 -16.89 -5.55 7.63
C ARG A 447 -17.43 -6.97 7.64
N ARG A 448 -18.74 -7.09 7.50
CA ARG A 448 -19.42 -8.39 7.55
C ARG A 448 -20.32 -8.60 6.32
N ASP A 449 -20.57 -9.86 6.00
CA ASP A 449 -21.50 -10.18 4.91
C ASP A 449 -22.95 -10.08 5.40
N THR A 450 -23.89 -10.45 4.54
CA THR A 450 -25.30 -10.30 4.87
C THR A 450 -25.82 -11.37 5.86
N ASN A 451 -24.97 -12.34 6.20
CA ASN A 451 -25.28 -13.29 7.28
C ASN A 451 -24.60 -12.94 8.59
N GLY A 452 -23.78 -11.88 8.57
CA GLY A 452 -23.08 -11.40 9.75
C GLY A 452 -21.67 -11.95 9.91
N GLN A 453 -21.23 -12.76 8.95
CA GLN A 453 -19.89 -13.34 9.00
C GLN A 453 -18.87 -12.31 8.52
N ILE A 454 -17.71 -12.25 9.19
CA ILE A 454 -16.65 -11.31 8.83
C ILE A 454 -16.15 -11.55 7.41
N GLU A 455 -16.01 -10.46 6.65
CA GLU A 455 -15.49 -10.49 5.27
C GLU A 455 -13.97 -10.65 5.29
N ASN A 456 -13.45 -11.50 4.40
CA ASN A 456 -12.02 -11.84 4.39
C ASN A 456 -11.26 -11.59 3.08
N SER A 457 -11.89 -10.91 2.12
CA SER A 457 -11.26 -10.68 0.80
C SER A 457 -9.88 -9.98 0.80
N ALA A 458 -9.61 -9.16 1.83
N ALA A 458 -9.63 -9.15 1.82
CA ALA A 458 -8.32 -8.46 1.95
CA ALA A 458 -8.36 -8.46 2.00
C ALA A 458 -7.15 -9.36 2.40
C ALA A 458 -7.39 -9.23 2.91
N ALA A 459 -7.49 -10.56 2.87
CA ALA A 459 -6.56 -11.48 3.57
C ALA A 459 -7.41 -12.15 4.64
N MET A 460 -7.82 -11.36 5.63
CA MET A 460 -8.73 -11.78 6.69
C MET A 460 -9.16 -10.54 7.47
N ASN A 461 -10.36 -10.58 8.03
CA ASN A 461 -10.86 -9.49 8.91
C ASN A 461 -10.81 -8.10 8.25
N ASN A 462 -11.47 -7.97 7.10
CA ASN A 462 -11.62 -6.70 6.43
C ASN A 462 -12.19 -5.65 7.39
N THR A 463 -11.64 -4.44 7.34
CA THR A 463 -12.20 -3.33 8.10
C THR A 463 -13.40 -2.73 7.38
N ALA A 464 -14.15 -1.90 8.09
CA ALA A 464 -15.31 -1.21 7.53
C ALA A 464 -15.14 0.29 7.70
N SER A 465 -14.31 0.89 6.86
CA SER A 465 -14.07 2.34 6.90
C SER A 465 -15.34 3.15 6.61
N GLU A 466 -16.37 2.48 6.10
CA GLU A 466 -17.69 3.09 5.92
C GLU A 466 -18.36 3.49 7.25
N HIS A 467 -17.91 2.90 8.35
CA HIS A 467 -18.43 3.24 9.68
C HIS A 467 -17.66 4.41 10.27
N PHE A 468 -18.39 5.29 10.94
CA PHE A 468 -17.86 6.60 11.37
C PHE A 468 -16.58 6.54 12.22
N MET A 469 -16.54 5.67 13.22
CA MET A 469 -15.40 5.61 14.12
C MET A 469 -14.21 4.85 13.53
N VAL A 470 -14.44 4.04 12.50
CA VAL A 470 -13.35 3.42 11.76
C VAL A 470 -12.68 4.48 10.89
N ASP A 471 -13.49 5.22 10.15
CA ASP A 471 -13.04 6.37 9.40
C ASP A 471 -12.28 7.33 10.31
N ARG A 472 -12.81 7.61 11.51
CA ARG A 472 -12.13 8.51 12.43
C ARG A 472 -10.75 7.98 12.82
N LEU A 473 -10.71 6.69 13.17
CA LEU A 473 -9.45 6.08 13.62
C LEU A 473 -8.37 6.12 12.53
N ILE A 474 -8.77 5.87 11.28
CA ILE A 474 -7.87 5.91 10.13
C ILE A 474 -7.29 7.32 9.98
N VAL A 475 -8.15 8.34 9.99
CA VAL A 475 -7.69 9.71 9.79
C VAL A 475 -6.82 10.13 10.98
N ASP A 476 -7.26 9.81 12.20
CA ASP A 476 -6.48 10.13 13.40
C ASP A 476 -5.09 9.49 13.36
N ASP A 477 -5.03 8.26 12.84
CA ASP A 477 -3.77 7.55 12.78
C ASP A 477 -2.81 8.21 11.80
N LEU A 478 -3.31 8.57 10.62
CA LEU A 478 -2.51 9.28 9.63
C LEU A 478 -1.94 10.57 10.22
N LEU A 479 -2.78 11.29 10.93
CA LEU A 479 -2.37 12.53 11.58
C LEU A 479 -1.32 12.28 12.65
N ASN A 480 -1.44 11.18 13.37
CA ASN A 480 -0.43 10.76 14.34
C ASN A 480 0.94 10.61 13.69
N TRP A 481 1.00 9.86 12.59
CA TRP A 481 2.28 9.65 11.91
C TRP A 481 2.82 10.94 11.29
N ALA A 482 1.93 11.73 10.68
CA ALA A 482 2.35 13.00 10.09
C ALA A 482 2.90 13.99 11.13
N VAL A 483 2.25 14.11 12.29
CA VAL A 483 2.64 15.10 13.29
C VAL A 483 3.69 14.58 14.28
N ASN A 484 3.44 13.41 14.85
CA ASN A 484 4.33 12.87 15.87
C ASN A 484 5.62 12.29 15.31
N TYR A 485 5.60 11.88 14.04
CA TYR A 485 6.77 11.27 13.40
C TYR A 485 7.22 11.99 12.13
N LYS A 486 6.52 13.07 11.77
CA LYS A 486 6.90 13.92 10.64
C LYS A 486 7.08 13.12 9.35
N VAL A 487 6.18 12.16 9.15
CA VAL A 487 6.14 11.33 7.95
C VAL A 487 5.62 12.14 6.76
N ASP A 488 6.22 11.90 5.58
CA ASP A 488 6.05 12.78 4.42
C ASP A 488 5.03 12.31 3.38
N GLY A 489 4.49 11.12 3.58
CA GLY A 489 3.53 10.57 2.61
C GLY A 489 3.07 9.19 3.01
N PHE A 490 2.08 8.68 2.29
CA PHE A 490 1.42 7.43 2.63
C PHE A 490 0.99 6.67 1.39
N ARG A 491 1.30 5.37 1.39
CA ARG A 491 0.85 4.41 0.39
C ARG A 491 -0.24 3.55 1.00
N PHE A 492 -1.43 3.60 0.41
CA PHE A 492 -2.58 2.90 0.97
C PHE A 492 -2.73 1.52 0.36
N ASP A 493 -2.43 0.51 1.17
CA ASP A 493 -2.66 -0.88 0.82
C ASP A 493 -4.16 -1.11 0.60
N LEU A 494 -4.49 -1.82 -0.47
CA LEU A 494 -5.88 -2.12 -0.81
C LEU A 494 -6.81 -0.91 -0.60
N MET A 495 -6.45 0.18 -1.27
CA MET A 495 -7.21 1.42 -1.21
C MET A 495 -8.63 1.22 -1.71
N GLY A 496 -8.84 0.24 -2.57
CA GLY A 496 -10.19 -0.09 -3.06
C GLY A 496 -11.10 -0.66 -1.98
N HIS A 497 -10.52 -1.07 -0.86
CA HIS A 497 -11.29 -1.50 0.31
C HIS A 497 -11.64 -0.35 1.26
N ILE A 498 -11.10 0.82 0.98
CA ILE A 498 -11.32 2.00 1.81
CA ILE A 498 -11.31 2.01 1.81
C ILE A 498 -12.33 2.91 1.12
N MET A 499 -13.23 3.51 1.88
CA MET A 499 -14.20 4.43 1.29
C MET A 499 -13.48 5.64 0.71
N LYS A 500 -13.95 6.11 -0.45
CA LYS A 500 -13.44 7.33 -1.04
C LYS A 500 -13.59 8.51 -0.08
N ARG A 501 -14.73 8.59 0.60
CA ARG A 501 -14.95 9.69 1.54
C ARG A 501 -13.87 9.73 2.65
N THR A 502 -13.42 8.56 3.08
CA THR A 502 -12.33 8.45 4.06
C THR A 502 -11.03 8.97 3.47
N MET A 503 -10.70 8.54 2.25
CA MET A 503 -9.49 8.99 1.57
C MET A 503 -9.45 10.51 1.43
N MET A 504 -10.56 11.11 1.02
CA MET A 504 -10.61 12.54 0.80
C MET A 504 -10.63 13.33 2.10
N ARG A 505 -11.28 12.79 3.13
CA ARG A 505 -11.30 13.47 4.42
C ARG A 505 -9.88 13.48 5.02
N ALA A 506 -9.16 12.37 4.83
CA ALA A 506 -7.76 12.25 5.26
C ALA A 506 -6.85 13.21 4.50
N LYS A 507 -7.04 13.27 3.18
CA LYS A 507 -6.24 14.13 2.32
C LYS A 507 -6.33 15.57 2.79
N SER A 508 -7.55 16.06 2.95
CA SER A 508 -7.76 17.43 3.38
CA SER A 508 -7.80 17.42 3.40
C SER A 508 -7.20 17.68 4.79
N ALA A 509 -7.42 16.75 5.72
CA ALA A 509 -6.87 16.90 7.07
C ALA A 509 -5.33 16.97 7.08
N LEU A 510 -4.70 16.08 6.33
CA LEU A 510 -3.25 16.04 6.23
C LEU A 510 -2.67 17.29 5.56
N GLN A 511 -3.27 17.69 4.43
CA GLN A 511 -2.61 18.75 3.69
CA GLN A 511 -2.79 18.79 3.58
C GLN A 511 -2.90 20.16 4.26
N SER A 512 -3.77 20.25 5.26
CA SER A 512 -4.00 21.51 5.97
CA SER A 512 -4.01 21.50 5.99
C SER A 512 -3.07 21.68 7.18
N LEU A 513 -2.25 20.68 7.49
CA LEU A 513 -1.27 20.83 8.58
C LEU A 513 -0.24 21.91 8.20
N THR A 514 0.14 22.73 9.16
CA THR A 514 1.14 23.78 8.94
C THR A 514 2.26 23.67 9.96
N THR A 515 3.42 24.21 9.59
CA THR A 515 4.57 24.19 10.48
C THR A 515 4.32 25.01 11.75
N ASP A 516 3.63 26.14 11.60
CA ASP A 516 3.31 26.99 12.75
C ASP A 516 2.44 26.29 13.79
N ALA A 517 1.44 25.55 13.33
CA ALA A 517 0.48 24.91 14.23
C ALA A 517 0.89 23.50 14.64
N HIS A 518 1.51 22.74 13.74
CA HIS A 518 1.79 21.31 13.99
C HIS A 518 3.21 20.84 13.68
N GLY A 519 4.09 21.76 13.26
CA GLY A 519 5.48 21.43 13.01
C GLY A 519 5.80 20.75 11.68
N VAL A 520 4.81 20.61 10.81
CA VAL A 520 5.01 19.96 9.50
C VAL A 520 4.25 20.70 8.41
N ASP A 521 4.84 20.77 7.23
CA ASP A 521 4.19 21.40 6.09
C ASP A 521 3.30 20.38 5.39
N GLY A 522 2.02 20.41 5.71
CA GLY A 522 1.06 19.43 5.20
C GLY A 522 0.85 19.49 3.70
N SER A 523 1.05 20.67 3.10
CA SER A 523 0.86 20.85 1.67
C SER A 523 1.75 19.93 0.83
N LYS A 524 2.85 19.45 1.40
CA LYS A 524 3.81 18.59 0.70
C LYS A 524 3.62 17.10 0.99
N ILE A 525 2.62 16.73 1.79
CA ILE A 525 2.38 15.33 2.12
C ILE A 525 1.61 14.66 0.97
N TYR A 526 2.20 13.61 0.40
CA TYR A 526 1.63 12.97 -0.77
C TYR A 526 0.96 11.63 -0.44
N LEU A 527 -0.25 11.44 -0.99
CA LEU A 527 -1.03 10.21 -0.83
CA LEU A 527 -1.02 10.20 -0.83
C LEU A 527 -1.14 9.44 -2.15
N TYR A 528 -0.92 8.14 -2.08
CA TYR A 528 -1.20 7.23 -3.19
C TYR A 528 -1.59 5.86 -2.66
N GLY A 529 -2.13 5.01 -3.52
CA GLY A 529 -2.56 3.69 -3.09
C GLY A 529 -2.79 2.71 -4.21
N ALA A 530 -3.05 1.47 -3.81
CA ALA A 530 -3.39 0.40 -4.73
C ALA A 530 -4.92 0.29 -4.77
N GLY A 531 -5.52 0.89 -5.79
CA GLY A 531 -6.96 0.98 -5.92
C GLY A 531 -7.60 -0.20 -6.63
N TRP A 532 -7.29 -1.41 -6.17
CA TRP A 532 -7.84 -2.61 -6.78
C TRP A 532 -9.31 -2.77 -6.38
N ASP A 533 -10.12 -3.18 -7.32
CA ASP A 533 -11.57 -3.23 -7.14
C ASP A 533 -12.00 -4.68 -7.32
N PHE A 534 -12.42 -5.32 -6.23
CA PHE A 534 -12.84 -6.72 -6.29
C PHE A 534 -13.66 -7.13 -5.07
N ALA A 535 -14.24 -8.33 -5.15
CA ALA A 535 -15.00 -8.90 -4.03
C ALA A 535 -16.19 -8.00 -3.58
N GLU A 536 -16.37 -7.80 -2.28
CA GLU A 536 -17.59 -7.21 -1.74
C GLU A 536 -17.73 -5.71 -1.98
N VAL A 537 -16.63 -5.04 -2.32
CA VAL A 537 -16.62 -3.58 -2.51
C VAL A 537 -16.85 -3.18 -3.98
N ALA A 538 -16.74 -4.14 -4.90
CA ALA A 538 -16.96 -3.88 -6.32
C ALA A 538 -18.36 -3.33 -6.59
N ARG A 539 -18.48 -2.55 -7.67
CA ARG A 539 -19.72 -1.90 -8.07
C ARG A 539 -20.28 -1.00 -6.96
N ASN A 540 -19.38 -0.36 -6.21
CA ASN A 540 -19.74 0.56 -5.12
C ASN A 540 -20.75 -0.01 -4.12
N GLN A 541 -20.73 -1.34 -3.93
CA GLN A 541 -21.76 -2.02 -3.13
C GLN A 541 -21.77 -1.62 -1.64
N ARG A 542 -20.62 -1.21 -1.11
CA ARG A 542 -20.54 -0.75 0.28
C ARG A 542 -20.39 0.77 0.38
N GLY A 543 -20.56 1.45 -0.76
CA GLY A 543 -20.28 2.87 -0.87
C GLY A 543 -19.26 3.09 -1.96
N ILE A 544 -19.02 4.36 -2.29
CA ILE A 544 -18.02 4.69 -3.30
C ILE A 544 -16.65 4.42 -2.69
N ASN A 545 -15.99 3.39 -3.21
CA ASN A 545 -14.73 2.91 -2.65
C ASN A 545 -13.54 3.50 -3.42
N GLY A 546 -12.35 3.36 -2.84
CA GLY A 546 -11.14 3.97 -3.39
C GLY A 546 -10.50 3.23 -4.56
N SER A 547 -11.33 2.82 -5.52
CA SER A 547 -10.87 2.16 -6.72
C SER A 547 -10.16 3.14 -7.66
N GLN A 548 -9.37 2.58 -8.57
CA GLN A 548 -8.73 3.37 -9.61
C GLN A 548 -9.68 4.34 -10.28
N LEU A 549 -10.81 3.83 -10.77
CA LEU A 549 -11.76 4.69 -11.49
C LEU A 549 -12.38 5.75 -10.58
N ASN A 550 -12.70 5.38 -9.34
CA ASN A 550 -13.34 6.31 -8.42
C ASN A 550 -12.39 7.42 -7.94
N MET A 551 -11.08 7.15 -7.90
CA MET A 551 -10.10 8.14 -7.46
C MET A 551 -9.65 9.07 -8.58
N SER A 552 -10.19 8.91 -9.79
CA SER A 552 -9.87 9.83 -10.86
C SER A 552 -10.38 11.20 -10.47
N GLY A 553 -9.53 12.22 -10.60
CA GLY A 553 -9.87 13.58 -10.23
C GLY A 553 -9.71 13.94 -8.76
N THR A 554 -9.07 13.08 -7.97
CA THR A 554 -8.89 13.32 -6.53
C THR A 554 -7.49 13.83 -6.20
N GLY A 555 -6.56 13.70 -7.14
CA GLY A 555 -5.17 14.07 -6.89
C GLY A 555 -4.44 13.04 -6.04
N ILE A 556 -5.09 11.89 -5.77
CA ILE A 556 -4.46 10.81 -5.02
C ILE A 556 -3.98 9.77 -6.03
N GLY A 557 -2.71 9.37 -5.91
CA GLY A 557 -2.13 8.45 -6.86
C GLY A 557 -2.65 7.04 -6.77
N SER A 558 -2.61 6.32 -7.88
CA SER A 558 -2.84 4.87 -7.84
C SER A 558 -1.91 4.15 -8.80
N PHE A 559 -1.56 2.92 -8.42
CA PHE A 559 -0.68 2.07 -9.21
C PHE A 559 -1.29 1.75 -10.57
N ASN A 560 -0.51 2.00 -11.61
CA ASN A 560 -0.89 1.69 -12.97
C ASN A 560 -0.47 0.28 -13.35
N ASP A 561 -1.39 -0.67 -13.17
CA ASP A 561 -1.12 -2.06 -13.51
C ASP A 561 -1.11 -2.31 -15.02
N ARG A 562 -1.65 -1.37 -15.79
CA ARG A 562 -1.73 -1.54 -17.24
C ARG A 562 -0.34 -1.45 -17.85
N ILE A 563 0.43 -0.43 -17.48
CA ILE A 563 1.78 -0.26 -18.01
C ILE A 563 2.68 -1.40 -17.52
N ARG A 564 2.48 -1.82 -16.27
CA ARG A 564 3.25 -2.94 -15.69
C ARG A 564 3.10 -4.21 -16.52
N ASP A 565 1.84 -4.60 -16.74
CA ASP A 565 1.55 -5.83 -17.47
C ASP A 565 1.89 -5.75 -18.95
N ALA A 566 1.81 -4.56 -19.54
CA ALA A 566 2.13 -4.38 -20.96
C ALA A 566 3.64 -4.49 -21.24
N ILE A 567 4.44 -3.98 -20.31
CA ILE A 567 5.90 -4.06 -20.39
C ILE A 567 6.37 -5.50 -20.14
N ASN A 568 5.96 -6.06 -19.01
CA ASN A 568 6.41 -7.40 -18.61
C ASN A 568 5.76 -8.53 -19.40
N GLY A 569 4.48 -8.38 -19.72
CA GLY A 569 3.72 -9.44 -20.39
C GLY A 569 2.83 -10.20 -19.45
N GLY A 570 1.63 -10.53 -19.93
CA GLY A 570 0.68 -11.31 -19.15
C GLY A 570 0.32 -10.58 -17.87
N ASN A 571 0.23 -11.33 -16.79
CA ASN A 571 -0.13 -10.76 -15.50
C ASN A 571 0.37 -11.70 -14.40
N PRO A 572 0.42 -11.22 -13.14
CA PRO A 572 1.04 -12.04 -12.10
C PRO A 572 0.28 -13.33 -11.74
N PHE A 573 -0.95 -13.47 -12.22
CA PHE A 573 -1.78 -14.64 -11.93
C PHE A 573 -1.89 -15.61 -13.11
N GLY A 574 -1.44 -15.18 -14.29
CA GLY A 574 -1.56 -15.99 -15.52
C GLY A 574 -0.33 -16.83 -15.77
N ASN A 575 -0.21 -17.34 -16.98
CA ASN A 575 0.93 -18.18 -17.34
C ASN A 575 2.21 -17.36 -17.24
N PRO A 576 3.19 -17.82 -16.43
CA PRO A 576 4.41 -17.05 -16.25
C PRO A 576 5.24 -16.80 -17.52
N LEU A 577 5.00 -17.57 -18.58
CA LEU A 577 5.78 -17.44 -19.82
C LEU A 577 5.19 -16.46 -20.83
N GLN A 578 4.04 -15.87 -20.51
CA GLN A 578 3.39 -14.94 -21.42
C GLN A 578 4.23 -13.67 -21.58
N GLN A 579 4.66 -13.40 -22.81
CA GLN A 579 5.57 -12.31 -23.11
C GLN A 579 4.88 -10.98 -23.30
N GLY A 580 5.65 -9.92 -23.13
CA GLY A 580 5.17 -8.55 -23.25
C GLY A 580 6.12 -7.72 -24.10
N PHE A 581 5.88 -6.42 -24.13
CA PHE A 581 6.65 -5.49 -24.96
C PHE A 581 8.15 -5.59 -24.68
N ASN A 582 8.52 -5.70 -23.40
CA ASN A 582 9.92 -5.74 -22.99
C ASN A 582 10.44 -7.13 -22.60
N THR A 583 9.70 -8.19 -22.91
CA THR A 583 10.18 -9.55 -22.66
C THR A 583 10.09 -10.45 -23.91
N GLY A 584 10.04 -9.83 -25.09
CA GLY A 584 10.27 -10.50 -26.37
C GLY A 584 9.06 -10.92 -27.18
N LEU A 585 7.88 -10.44 -26.80
CA LEU A 585 6.67 -10.82 -27.53
C LEU A 585 6.86 -10.46 -29.00
N PHE A 586 6.58 -11.43 -29.87
CA PHE A 586 6.78 -11.33 -31.34
C PHE A 586 8.24 -11.22 -31.80
N LEU A 587 8.99 -10.31 -31.20
CA LEU A 587 10.36 -10.01 -31.62
C LEU A 587 11.34 -11.11 -31.30
N GLU A 588 11.16 -11.72 -30.13
CA GLU A 588 12.04 -12.80 -29.67
C GLU A 588 11.21 -13.86 -28.94
N PRO A 589 10.46 -14.67 -29.71
CA PRO A 589 9.56 -15.66 -29.08
C PRO A 589 10.31 -16.63 -28.17
N ASN A 590 9.70 -16.97 -27.04
CA ASN A 590 10.35 -17.85 -26.05
C ASN A 590 9.99 -19.32 -26.21
N GLY A 591 9.18 -19.65 -27.21
CA GLY A 591 8.77 -21.04 -27.42
C GLY A 591 7.45 -21.44 -26.78
N PHE A 592 6.94 -20.62 -25.87
CA PHE A 592 5.58 -20.79 -25.34
C PHE A 592 4.60 -20.33 -26.43
N TYR A 593 3.63 -21.18 -26.79
CA TYR A 593 2.71 -20.82 -27.88
C TYR A 593 1.77 -19.69 -27.49
N GLN A 594 1.78 -18.64 -28.30
CA GLN A 594 1.03 -17.42 -28.03
C GLN A 594 0.31 -16.89 -29.28
N GLY A 595 0.12 -17.77 -30.27
CA GLY A 595 -0.58 -17.41 -31.50
C GLY A 595 0.34 -17.41 -32.70
N ASN A 596 -0.26 -17.19 -33.87
CA ASN A 596 0.49 -17.00 -35.11
C ASN A 596 1.27 -15.68 -35.08
N GLU A 597 2.18 -15.52 -36.03
CA GLU A 597 3.02 -14.33 -36.09
C GLU A 597 2.22 -13.02 -36.15
N ALA A 598 1.16 -12.99 -36.97
CA ALA A 598 0.32 -11.78 -37.07
C ALA A 598 -0.35 -11.43 -35.75
N ASP A 599 -0.81 -12.46 -35.03
CA ASP A 599 -1.44 -12.32 -33.72
C ASP A 599 -0.47 -11.72 -32.70
N THR A 600 0.72 -12.30 -32.59
CA THR A 600 1.72 -11.79 -31.65
C THR A 600 2.20 -10.39 -32.02
N ARG A 601 2.37 -10.11 -33.32
CA ARG A 601 2.71 -8.75 -33.76
C ARG A 601 1.65 -7.74 -33.33
N ARG A 602 0.38 -8.09 -33.50
CA ARG A 602 -0.72 -7.20 -33.12
C ARG A 602 -0.81 -7.04 -31.60
N SER A 603 -0.59 -8.12 -30.87
CA SER A 603 -0.59 -8.10 -29.40
C SER A 603 0.54 -7.21 -28.88
N LEU A 604 1.71 -7.32 -29.51
CA LEU A 604 2.82 -6.42 -29.18
C LEU A 604 2.44 -4.95 -29.40
N ALA A 605 1.81 -4.66 -30.55
CA ALA A 605 1.39 -3.30 -30.88
C ALA A 605 0.33 -2.77 -29.91
N THR A 606 -0.55 -3.67 -29.45
CA THR A 606 -1.59 -3.33 -28.49
C THR A 606 -0.99 -2.97 -27.14
N TYR A 607 -0.03 -3.76 -26.68
CA TYR A 607 0.74 -3.43 -25.48
C TYR A 607 1.46 -2.08 -25.61
N ALA A 608 2.03 -1.81 -26.79
CA ALA A 608 2.69 -0.53 -27.02
C ALA A 608 1.72 0.65 -26.86
N ASP A 609 0.49 0.52 -27.35
CA ASP A 609 -0.54 1.54 -27.14
C ASP A 609 -0.72 1.81 -25.64
N GLN A 610 -0.87 0.73 -24.87
CA GLN A 610 -1.14 0.82 -23.44
C GLN A 610 0.02 1.49 -22.71
N ILE A 611 1.24 1.11 -23.09
CA ILE A 611 2.45 1.71 -22.53
C ILE A 611 2.50 3.21 -22.83
N GLN A 612 2.20 3.59 -24.06
CA GLN A 612 2.29 4.99 -24.45
C GLN A 612 1.26 5.85 -23.71
N ILE A 613 0.05 5.34 -23.51
CA ILE A 613 -0.94 6.02 -22.67
C ILE A 613 -0.37 6.20 -21.27
N GLY A 614 0.28 5.17 -20.73
CA GLY A 614 0.92 5.26 -19.41
C GLY A 614 2.06 6.26 -19.36
N LEU A 615 2.89 6.27 -20.40
CA LEU A 615 4.03 7.19 -20.49
C LEU A 615 3.57 8.65 -20.55
N ALA A 616 2.35 8.88 -21.00
CA ALA A 616 1.78 10.21 -21.05
C ALA A 616 0.85 10.46 -19.84
N GLY A 617 1.15 9.82 -18.71
CA GLY A 617 0.48 10.07 -17.44
C GLY A 617 -0.78 9.25 -17.17
N ASN A 618 -1.07 8.29 -18.05
CA ASN A 618 -2.26 7.43 -17.97
C ASN A 618 -3.59 8.16 -17.85
N LEU A 619 -3.73 9.19 -18.67
CA LEU A 619 -4.88 10.09 -18.63
C LEU A 619 -6.06 9.56 -19.43
N ARG A 620 -7.27 9.82 -18.93
CA ARG A 620 -8.51 9.56 -19.65
C ARG A 620 -8.57 10.16 -21.04
N ASP A 621 -8.14 11.42 -21.15
CA ASP A 621 -8.43 12.23 -22.35
C ASP A 621 -7.28 12.36 -23.33
N TYR A 622 -6.09 11.85 -23.00
CA TYR A 622 -4.95 11.94 -23.92
C TYR A 622 -5.24 11.16 -25.21
N VAL A 623 -5.06 11.81 -26.35
CA VAL A 623 -5.35 11.23 -27.65
C VAL A 623 -4.10 10.61 -28.27
N LEU A 624 -4.14 9.29 -28.49
CA LEU A 624 -3.08 8.55 -29.17
C LEU A 624 -3.58 7.98 -30.50
N ILE A 625 -2.73 8.02 -31.53
CA ILE A 625 -2.95 7.24 -32.73
C ILE A 625 -2.66 5.77 -32.39
N SER A 626 -3.72 4.98 -32.30
CA SER A 626 -3.60 3.59 -31.86
C SER A 626 -3.04 2.71 -32.98
N HIS A 627 -2.81 1.44 -32.66
CA HIS A 627 -2.14 0.52 -33.58
C HIS A 627 -2.93 0.26 -34.85
N THR A 628 -4.24 0.50 -34.82
CA THR A 628 -5.07 0.35 -36.02
C THR A 628 -5.04 1.60 -36.91
N GLY A 629 -4.43 2.68 -36.43
CA GLY A 629 -4.47 3.97 -37.09
C GLY A 629 -5.55 4.90 -36.55
N GLU A 630 -6.54 4.34 -35.86
CA GLU A 630 -7.64 5.13 -35.30
C GLU A 630 -7.18 5.89 -34.06
N ALA A 631 -7.48 7.20 -34.03
CA ALA A 631 -7.19 8.03 -32.89
C ALA A 631 -8.12 7.64 -31.74
N LYS A 632 -7.53 7.39 -30.57
CA LYS A 632 -8.30 7.02 -29.39
C LYS A 632 -7.82 7.75 -28.15
N LYS A 633 -8.76 8.14 -27.29
CA LYS A 633 -8.41 8.67 -25.98
C LYS A 633 -7.93 7.53 -25.11
N GLY A 634 -7.14 7.85 -24.09
CA GLY A 634 -6.70 6.85 -23.12
C GLY A 634 -7.82 5.99 -22.55
N SER A 635 -8.97 6.62 -22.30
CA SER A 635 -10.14 5.90 -21.80
C SER A 635 -10.79 4.98 -22.83
N GLU A 636 -10.56 5.25 -24.12
CA GLU A 636 -11.14 4.44 -25.21
C GLU A 636 -10.30 3.23 -25.57
N ILE A 637 -9.07 3.17 -25.08
CA ILE A 637 -8.23 1.99 -25.18
C ILE A 637 -8.51 1.14 -23.93
N HIS A 638 -8.86 -0.13 -24.11
CA HIS A 638 -9.43 -0.94 -23.03
C HIS A 638 -8.59 -2.10 -22.54
N THR A 639 -8.79 -2.46 -21.27
CA THR A 639 -8.27 -3.69 -20.69
C THR A 639 -9.18 -4.85 -21.14
N PHE A 640 -8.84 -6.07 -20.76
CA PHE A 640 -9.68 -7.22 -21.13
C PHE A 640 -11.08 -7.18 -20.52
N ASP A 641 -11.18 -6.69 -19.29
CA ASP A 641 -12.47 -6.50 -18.65
C ASP A 641 -13.27 -5.34 -19.28
N GLY A 642 -12.70 -4.70 -20.30
CA GLY A 642 -13.37 -3.63 -21.03
C GLY A 642 -13.34 -2.30 -20.32
N LEU A 643 -12.39 -2.15 -19.39
CA LEU A 643 -12.25 -0.94 -18.61
C LEU A 643 -11.15 -0.07 -19.20
N PRO A 644 -11.21 1.25 -18.96
CA PRO A 644 -10.25 2.14 -19.60
C PRO A 644 -8.81 1.88 -19.15
N VAL A 645 -7.88 1.88 -20.10
CA VAL A 645 -6.47 1.81 -19.77
C VAL A 645 -6.06 3.11 -19.07
N GLY A 646 -6.27 4.23 -19.75
CA GLY A 646 -6.03 5.55 -19.17
C GLY A 646 -7.26 5.99 -18.40
N TYR A 647 -7.10 6.28 -17.11
CA TYR A 647 -8.24 6.58 -16.25
C TYR A 647 -8.10 7.82 -15.36
N THR A 648 -6.96 8.50 -15.42
CA THR A 648 -6.72 9.63 -14.51
C THR A 648 -7.06 10.97 -15.13
N ALA A 649 -7.14 11.98 -14.26
CA ALA A 649 -7.41 13.36 -14.64
C ALA A 649 -6.14 14.22 -14.60
N SER A 650 -5.06 13.65 -14.06
CA SER A 650 -3.82 14.37 -13.83
C SER A 650 -2.68 13.36 -13.74
N PRO A 651 -1.48 13.73 -14.22
CA PRO A 651 -0.30 12.86 -14.05
C PRO A 651 0.03 12.50 -12.60
N ILE A 652 -0.28 13.35 -11.62
CA ILE A 652 0.01 13.02 -10.21
C ILE A 652 -0.92 11.94 -9.64
N GLU A 653 -1.93 11.54 -10.42
CA GLU A 653 -2.80 10.42 -10.05
C GLU A 653 -2.27 9.06 -10.54
N THR A 654 -1.11 9.08 -11.20
CA THR A 654 -0.54 7.88 -11.78
C THR A 654 0.80 7.51 -11.16
N ILE A 655 0.85 6.32 -10.58
CA ILE A 655 2.08 5.72 -10.09
C ILE A 655 2.48 4.67 -11.12
N ASN A 656 3.46 4.99 -11.95
CA ASN A 656 3.96 4.03 -12.95
C ASN A 656 5.04 3.13 -12.38
N TYR A 657 4.87 1.83 -12.62
CA TYR A 657 5.78 0.81 -12.11
C TYR A 657 5.79 -0.44 -12.97
N VAL A 658 6.89 -1.18 -12.89
CA VAL A 658 7.03 -2.51 -13.49
C VAL A 658 7.38 -3.57 -12.45
N SER A 659 7.52 -3.16 -11.19
CA SER A 659 7.97 -4.03 -10.11
C SER A 659 7.65 -3.42 -8.76
N ALA A 660 7.49 -4.30 -7.77
CA ALA A 660 7.18 -3.92 -6.40
C ALA A 660 7.47 -5.14 -5.53
N HIS A 661 7.20 -5.03 -4.23
CA HIS A 661 7.48 -6.12 -3.31
C HIS A 661 6.70 -7.39 -3.68
N ASP A 662 5.45 -7.22 -4.12
CA ASP A 662 4.63 -8.35 -4.57
C ASP A 662 5.14 -8.96 -5.87
N ASN A 663 4.90 -10.25 -6.04
CA ASN A 663 5.18 -10.96 -7.28
C ASN A 663 6.69 -11.04 -7.56
N GLU A 664 7.04 -11.40 -8.79
CA GLU A 664 8.45 -11.55 -9.14
C GLU A 664 9.17 -10.21 -9.24
N THR A 665 10.44 -10.20 -8.83
CA THR A 665 11.28 -8.99 -9.01
C THR A 665 11.44 -8.73 -10.49
N LEU A 666 11.81 -7.51 -10.83
CA LEU A 666 12.07 -7.14 -12.23
C LEU A 666 13.08 -8.09 -12.89
N PHE A 667 14.19 -8.34 -12.22
CA PHE A 667 15.20 -9.25 -12.76
C PHE A 667 14.63 -10.65 -12.97
N ASP A 668 13.85 -11.12 -12.02
CA ASP A 668 13.28 -12.46 -12.09
C ASP A 668 12.22 -12.63 -13.19
N VAL A 669 11.32 -11.66 -13.36
CA VAL A 669 10.28 -11.77 -14.39
C VAL A 669 10.93 -11.77 -15.79
N ILE A 670 11.94 -10.93 -15.97
CA ILE A 670 12.72 -10.90 -17.22
C ILE A 670 13.45 -12.24 -17.45
N SER A 671 14.02 -12.80 -16.40
CA SER A 671 14.72 -14.09 -16.53
C SER A 671 13.76 -15.24 -16.87
N VAL A 672 12.50 -15.13 -16.46
CA VAL A 672 11.50 -16.16 -16.75
C VAL A 672 10.94 -16.04 -18.17
N LYS A 673 10.61 -14.81 -18.58
CA LYS A 673 9.84 -14.59 -19.80
C LYS A 673 10.66 -14.52 -21.10
N THR A 674 11.89 -14.01 -21.02
CA THR A 674 12.72 -13.88 -22.21
C THR A 674 13.20 -15.26 -22.69
N PRO A 675 13.63 -15.35 -23.96
CA PRO A 675 14.20 -16.63 -24.40
C PRO A 675 15.36 -17.08 -23.50
N MET A 676 15.38 -18.36 -23.14
CA MET A 676 16.44 -18.89 -22.27
C MET A 676 17.85 -18.64 -22.81
N ILE A 677 17.99 -18.59 -24.13
CA ILE A 677 19.30 -18.48 -24.76
C ILE A 677 19.92 -17.07 -24.69
N LEU A 678 19.13 -16.07 -24.28
CA LEU A 678 19.68 -14.73 -24.09
C LEU A 678 20.79 -14.79 -23.04
N SER A 679 21.83 -13.99 -23.22
CA SER A 679 22.91 -13.89 -22.24
C SER A 679 22.43 -13.02 -21.10
N VAL A 680 23.11 -13.12 -19.95
CA VAL A 680 22.77 -12.25 -18.82
C VAL A 680 23.03 -10.78 -19.19
N ASP A 681 24.07 -10.53 -19.99
CA ASP A 681 24.37 -9.18 -20.45
C ASP A 681 23.17 -8.57 -21.19
N GLU A 682 22.55 -9.35 -22.06
CA GLU A 682 21.37 -8.91 -22.78
C GLU A 682 20.22 -8.64 -21.80
N ARG A 683 20.00 -9.55 -20.88
CA ARG A 683 18.95 -9.36 -19.87
C ARG A 683 19.19 -8.12 -19.03
N CYS A 684 20.47 -7.81 -18.72
CA CYS A 684 20.77 -6.60 -17.97
C CYS A 684 20.32 -5.34 -18.74
N ARG A 685 20.48 -5.33 -20.06
CA ARG A 685 19.99 -4.21 -20.88
C ARG A 685 18.47 -4.14 -20.81
N ILE A 686 17.81 -5.30 -20.77
CA ILE A 686 16.35 -5.35 -20.70
C ILE A 686 15.84 -4.79 -19.36
N ASN A 687 16.53 -5.11 -18.27
CA ASN A 687 16.21 -4.52 -16.94
C ASN A 687 16.27 -2.99 -17.01
N HIS A 688 17.35 -2.48 -17.62
CA HIS A 688 17.53 -1.04 -17.75
C HIS A 688 16.43 -0.40 -18.59
N LEU A 689 16.03 -1.05 -19.67
CA LEU A 689 14.92 -0.56 -20.48
C LEU A 689 13.64 -0.39 -19.64
N ALA A 690 13.32 -1.39 -18.82
CA ALA A 690 12.12 -1.34 -18.00
C ALA A 690 12.14 -0.19 -16.99
N SER A 691 13.23 -0.08 -16.23
CA SER A 691 13.31 0.98 -15.23
CA SER A 691 13.37 0.98 -15.23
C SER A 691 13.39 2.36 -15.88
N SER A 692 13.95 2.44 -17.09
CA SER A 692 14.06 3.70 -17.81
C SER A 692 12.71 4.17 -18.35
N MET A 693 11.87 3.21 -18.76
CA MET A 693 10.51 3.54 -19.16
C MET A 693 9.74 4.18 -18.00
N MET A 694 9.98 3.70 -16.79
CA MET A 694 9.37 4.33 -15.61
C MET A 694 10.00 5.71 -15.35
N ALA A 695 11.33 5.74 -15.32
CA ALA A 695 12.07 6.96 -14.99
C ALA A 695 11.86 8.13 -15.96
N LEU A 696 11.50 7.84 -17.21
CA LEU A 696 11.23 8.91 -18.20
C LEU A 696 9.76 9.09 -18.52
N SER A 697 8.87 8.53 -17.70
CA SER A 697 7.44 8.62 -17.94
C SER A 697 6.89 9.88 -17.29
N GLN A 698 5.79 10.37 -17.85
CA GLN A 698 4.99 11.38 -17.17
C GLN A 698 4.26 10.68 -16.03
N GLY A 699 3.90 11.44 -15.01
CA GLY A 699 3.38 10.88 -13.77
C GLY A 699 4.50 10.62 -12.77
N ILE A 700 4.25 9.74 -11.82
CA ILE A 700 5.20 9.50 -10.73
C ILE A 700 5.83 8.11 -10.88
N PRO A 701 7.15 8.05 -11.15
CA PRO A 701 7.80 6.74 -11.24
C PRO A 701 7.98 6.08 -9.88
N PHE A 702 7.82 4.77 -9.87
CA PHE A 702 7.92 3.93 -8.68
C PHE A 702 8.88 2.77 -8.98
N PHE A 703 9.89 2.61 -8.12
CA PHE A 703 10.90 1.57 -8.26
C PHE A 703 10.87 0.64 -7.05
N HIS A 704 10.95 -0.65 -7.31
CA HIS A 704 11.16 -1.62 -6.25
C HIS A 704 12.63 -1.59 -5.82
N ALA A 705 12.88 -1.53 -4.51
CA ALA A 705 14.27 -1.58 -4.03
C ALA A 705 14.95 -2.79 -4.62
N GLY A 706 16.05 -2.54 -5.35
CA GLY A 706 16.78 -3.60 -6.03
C GLY A 706 16.65 -3.64 -7.55
N ASP A 707 15.67 -2.93 -8.11
CA ASP A 707 15.57 -2.75 -9.56
C ASP A 707 16.96 -2.32 -10.12
N GLU A 708 17.62 -1.45 -9.36
CA GLU A 708 18.84 -0.78 -9.79
C GLU A 708 20.09 -1.68 -9.68
N ILE A 709 19.97 -2.80 -8.97
CA ILE A 709 21.09 -3.74 -8.76
C ILE A 709 20.68 -5.18 -9.07
N LEU A 710 19.74 -5.36 -10.00
CA LEU A 710 19.39 -6.68 -10.55
C LEU A 710 18.86 -7.66 -9.49
N ARG A 711 18.20 -7.12 -8.47
CA ARG A 711 17.79 -7.94 -7.33
C ARG A 711 16.92 -9.13 -7.73
N SER A 712 17.27 -10.29 -7.21
CA SER A 712 16.53 -11.52 -7.39
C SER A 712 16.07 -12.05 -6.04
N LYS A 713 14.99 -12.83 -6.07
CA LYS A 713 14.54 -13.62 -4.94
C LYS A 713 14.57 -15.09 -5.33
N SER A 714 15.44 -15.43 -6.29
CA SER A 714 15.43 -16.74 -6.94
C SER A 714 14.01 -17.13 -7.39
N ILE A 715 13.31 -16.15 -7.98
CA ILE A 715 11.99 -16.30 -8.62
C ILE A 715 10.83 -16.54 -7.64
N ASP A 716 11.04 -16.19 -6.37
CA ASP A 716 9.95 -16.24 -5.40
C ASP A 716 8.84 -15.28 -5.83
N ARG A 717 7.64 -15.81 -5.99
CA ARG A 717 6.50 -15.02 -6.47
CA ARG A 717 6.47 -15.04 -6.46
C ARG A 717 5.77 -14.30 -5.32
N ASP A 718 6.02 -14.72 -4.08
CA ASP A 718 5.39 -14.07 -2.90
C ASP A 718 6.26 -14.26 -1.66
N SER A 719 7.24 -13.38 -1.51
CA SER A 719 8.35 -13.59 -0.55
C SER A 719 8.10 -13.04 0.86
N TYR A 720 6.83 -12.77 1.18
CA TYR A 720 6.44 -12.16 2.46
C TYR A 720 6.94 -12.89 3.71
N ASN A 721 7.10 -14.20 3.61
CA ASN A 721 7.51 -15.02 4.75
C ASN A 721 8.69 -15.91 4.39
N SER A 722 9.45 -15.50 3.37
CA SER A 722 10.54 -16.32 2.84
C SER A 722 11.89 -15.99 3.46
N GLY A 723 11.86 -15.19 4.53
CA GLY A 723 13.05 -14.92 5.34
C GLY A 723 14.08 -14.03 4.70
N ASP A 724 15.17 -13.80 5.42
CA ASP A 724 16.29 -13.04 4.89
C ASP A 724 16.97 -13.79 3.75
N TRP A 725 16.86 -15.11 3.74
CA TRP A 725 17.54 -15.89 2.71
C TRP A 725 17.09 -15.53 1.30
N PHE A 726 15.78 -15.51 1.05
CA PHE A 726 15.25 -15.23 -0.29
C PHE A 726 15.10 -13.74 -0.60
N ASN A 727 15.12 -12.91 0.43
CA ASN A 727 14.90 -11.46 0.29
C ASN A 727 16.17 -10.62 0.38
N LYS A 728 17.33 -11.26 0.35
CA LYS A 728 18.61 -10.56 0.50
C LYS A 728 18.79 -9.35 -0.42
N LEU A 729 19.14 -8.22 0.20
CA LEU A 729 19.57 -7.00 -0.48
C LEU A 729 21.06 -6.82 -0.22
N ASP A 730 21.89 -7.07 -1.22
CA ASP A 730 23.34 -7.12 -1.02
C ASP A 730 24.01 -5.82 -1.46
N PHE A 731 24.31 -4.94 -0.51
CA PHE A 731 24.94 -3.66 -0.84
C PHE A 731 26.48 -3.74 -0.94
N THR A 732 27.04 -4.95 -0.91
CA THR A 732 28.42 -5.19 -1.35
C THR A 732 28.47 -5.35 -2.86
N TYR A 733 27.30 -5.62 -3.46
CA TYR A 733 27.14 -5.80 -4.92
C TYR A 733 27.83 -7.05 -5.47
N GLU A 734 28.23 -7.97 -4.59
CA GLU A 734 28.92 -9.18 -5.02
C GLU A 734 27.94 -10.19 -5.61
N THR A 735 26.70 -10.16 -5.12
CA THR A 735 25.63 -11.07 -5.57
C THR A 735 24.32 -10.33 -5.76
N ASN A 736 23.38 -10.93 -6.51
CA ASN A 736 22.02 -10.41 -6.64
C ASN A 736 20.94 -11.35 -6.06
N ASN A 737 21.40 -12.47 -5.48
CA ASN A 737 20.56 -13.49 -4.86
C ASN A 737 19.81 -14.39 -5.85
N TRP A 738 20.24 -14.40 -7.10
CA TRP A 738 19.80 -15.40 -8.07
C TRP A 738 20.49 -16.73 -7.79
N GLY A 739 19.73 -17.82 -7.86
CA GLY A 739 20.31 -19.16 -7.73
C GLY A 739 20.65 -19.58 -6.31
N VAL A 740 19.76 -19.28 -5.37
CA VAL A 740 19.95 -19.67 -3.98
C VAL A 740 18.91 -20.70 -3.55
N GLY A 741 18.51 -21.56 -4.49
CA GLY A 741 17.51 -22.60 -4.26
C GLY A 741 16.17 -22.27 -4.88
N LEU A 742 15.36 -23.30 -5.14
CA LEU A 742 13.97 -23.08 -5.50
C LEU A 742 13.28 -22.35 -4.34
N PRO A 743 12.42 -21.37 -4.66
CA PRO A 743 11.76 -20.63 -3.59
C PRO A 743 10.66 -21.45 -2.88
N PRO A 744 10.19 -20.97 -1.72
CA PRO A 744 9.30 -21.77 -0.87
C PRO A 744 8.11 -22.40 -1.58
N SER A 745 7.87 -23.67 -1.27
CA SER A 745 6.91 -24.50 -1.99
C SER A 745 5.47 -23.99 -1.96
N GLU A 746 5.03 -23.46 -0.82
CA GLU A 746 3.61 -23.08 -0.64
C GLU A 746 3.11 -22.16 -1.75
N LYS A 747 3.90 -21.14 -2.09
CA LYS A 747 3.50 -20.19 -3.10
C LYS A 747 4.09 -20.46 -4.48
N ASN A 748 5.06 -21.38 -4.59
CA ASN A 748 5.84 -21.52 -5.82
C ASN A 748 5.93 -22.89 -6.47
N GLU A 749 5.54 -23.96 -5.75
CA GLU A 749 5.81 -25.32 -6.22
C GLU A 749 5.24 -25.63 -7.60
N ASP A 750 4.05 -25.09 -7.90
CA ASP A 750 3.43 -25.26 -9.21
C ASP A 750 4.33 -24.79 -10.37
N ASN A 751 5.22 -23.82 -10.10
CA ASN A 751 6.11 -23.29 -11.14
C ASN A 751 7.57 -23.69 -11.02
N TRP A 752 7.89 -24.59 -10.08
CA TRP A 752 9.26 -25.10 -9.92
C TRP A 752 9.85 -25.66 -11.21
N PRO A 753 9.04 -26.36 -12.03
CA PRO A 753 9.60 -26.91 -13.27
C PRO A 753 10.19 -25.85 -14.21
N LEU A 754 9.59 -24.67 -14.27
CA LEU A 754 10.17 -23.62 -15.10
C LEU A 754 11.32 -22.89 -14.39
N MET A 755 11.30 -22.86 -13.06
CA MET A 755 12.36 -22.19 -12.29
C MET A 755 13.66 -22.97 -12.24
N LYS A 756 13.56 -24.29 -12.06
CA LYS A 756 14.73 -25.11 -11.78
C LYS A 756 15.85 -25.01 -12.84
N PRO A 757 15.53 -25.22 -14.13
CA PRO A 757 16.60 -25.15 -15.13
C PRO A 757 17.24 -23.76 -15.24
N ARG A 758 16.45 -22.72 -14.95
CA ARG A 758 16.95 -21.36 -15.02
C ARG A 758 17.89 -21.05 -13.85
N LEU A 759 17.47 -21.41 -12.64
CA LEU A 759 18.30 -21.22 -11.45
C LEU A 759 19.59 -22.04 -11.52
N GLU A 760 19.53 -23.20 -12.17
CA GLU A 760 20.70 -24.08 -12.32
C GLU A 760 21.68 -23.64 -13.39
N ASN A 761 21.23 -22.79 -14.30
CA ASN A 761 22.07 -22.38 -15.42
C ASN A 761 23.03 -21.27 -15.03
N PRO A 762 24.34 -21.54 -15.02
CA PRO A 762 25.32 -20.52 -14.61
C PRO A 762 25.26 -19.24 -15.43
N SER A 763 24.82 -19.34 -16.70
CA SER A 763 24.74 -18.18 -17.58
C SER A 763 23.64 -17.18 -17.21
N PHE A 764 22.73 -17.56 -16.30
CA PHE A 764 21.64 -16.66 -15.85
C PHE A 764 22.06 -15.71 -14.73
N LYS A 765 23.19 -16.01 -14.08
CA LYS A 765 23.59 -15.33 -12.86
C LYS A 765 24.54 -14.15 -13.14
N PRO A 766 24.14 -12.92 -12.78
CA PRO A 766 25.05 -11.81 -12.98
C PRO A 766 26.18 -11.80 -11.96
N ALA A 767 27.29 -11.19 -12.35
CA ALA A 767 28.44 -10.97 -11.48
C ALA A 767 28.42 -9.52 -11.00
N LYS A 768 29.38 -9.18 -10.15
CA LYS A 768 29.50 -7.82 -9.61
C LYS A 768 29.56 -6.74 -10.70
N GLY A 769 30.30 -7.00 -11.77
CA GLY A 769 30.38 -6.07 -12.89
C GLY A 769 29.02 -5.68 -13.45
N HIS A 770 28.15 -6.68 -13.63
CA HIS A 770 26.79 -6.44 -14.15
C HIS A 770 25.96 -5.63 -13.15
N ILE A 771 26.08 -5.96 -11.87
CA ILE A 771 25.32 -5.28 -10.82
C ILE A 771 25.71 -3.79 -10.74
N LEU A 772 27.00 -3.52 -10.73
CA LEU A 772 27.51 -2.14 -10.70
C LEU A 772 27.13 -1.37 -11.96
N ALA A 773 27.14 -2.05 -13.10
CA ALA A 773 26.75 -1.42 -14.36
C ALA A 773 25.27 -1.03 -14.33
N ALA A 774 24.44 -1.91 -13.78
CA ALA A 774 23.01 -1.64 -13.65
C ALA A 774 22.78 -0.40 -12.78
N LEU A 775 23.52 -0.30 -11.69
CA LEU A 775 23.41 0.84 -10.78
C LEU A 775 23.82 2.15 -11.43
N ASP A 776 24.93 2.14 -12.17
CA ASP A 776 25.39 3.34 -12.85
C ASP A 776 24.39 3.84 -13.88
N SER A 777 23.78 2.92 -14.65
CA SER A 777 22.82 3.37 -15.66
C SER A 777 21.49 3.81 -15.03
N PHE A 778 21.13 3.21 -13.90
CA PHE A 778 19.95 3.66 -13.14
C PHE A 778 20.16 5.08 -12.62
N VAL A 779 21.32 5.33 -12.00
CA VAL A 779 21.70 6.67 -11.57
C VAL A 779 21.59 7.66 -12.75
N ASP A 780 22.09 7.27 -13.91
CA ASP A 780 22.08 8.15 -15.08
C ASP A 780 20.67 8.48 -15.58
N ILE A 781 19.79 7.48 -15.62
CA ILE A 781 18.43 7.71 -16.09
C ILE A 781 17.67 8.64 -15.13
N LEU A 782 17.94 8.52 -13.84
CA LEU A 782 17.38 9.48 -12.87
C LEU A 782 17.92 10.89 -13.13
N LYS A 783 19.23 11.00 -13.31
CA LYS A 783 19.82 12.30 -13.66
C LYS A 783 19.11 12.91 -14.87
N ILE A 784 18.86 12.09 -15.87
CA ILE A 784 18.16 12.54 -17.07
C ILE A 784 16.75 13.05 -16.74
N ARG A 785 15.97 12.29 -15.98
CA ARG A 785 14.64 12.76 -15.57
C ARG A 785 14.69 14.14 -14.95
N TYR A 786 15.65 14.33 -14.06
CA TYR A 786 15.73 15.58 -13.30
C TYR A 786 16.53 16.67 -13.99
N SER A 787 17.01 16.36 -15.20
CA SER A 787 17.71 17.36 -16.02
C SER A 787 16.77 18.28 -16.78
N SER A 788 15.50 17.88 -16.92
CA SER A 788 14.52 18.67 -17.66
C SER A 788 13.12 18.60 -17.05
N PRO A 789 12.49 19.76 -16.78
CA PRO A 789 11.09 19.77 -16.34
C PRO A 789 10.10 19.15 -17.34
N LEU A 790 10.53 18.93 -18.58
CA LEU A 790 9.65 18.38 -19.60
C LEU A 790 9.24 16.93 -19.34
N PHE A 791 10.03 16.20 -18.53
CA PHE A 791 9.70 14.83 -18.15
C PHE A 791 8.66 14.75 -17.03
N ARG A 792 8.37 15.89 -16.41
CA ARG A 792 7.58 15.98 -15.17
C ARG A 792 6.50 17.05 -15.29
N LEU A 793 5.78 17.03 -16.40
CA LEU A 793 4.75 18.04 -16.65
C LEU A 793 3.64 17.93 -15.60
N SER A 794 3.14 19.08 -15.16
CA SER A 794 2.30 19.08 -13.95
C SER A 794 0.82 18.90 -14.20
N THR A 795 0.34 19.12 -15.43
CA THR A 795 -1.11 19.00 -15.71
C THR A 795 -1.40 18.21 -16.98
N ALA A 796 -2.64 17.74 -17.09
CA ALA A 796 -3.07 17.02 -18.28
C ALA A 796 -3.02 17.92 -19.52
N ASN A 797 -3.38 19.19 -19.37
CA ASN A 797 -3.31 20.14 -20.49
C ASN A 797 -1.90 20.21 -21.05
N ASP A 798 -0.90 20.26 -20.17
CA ASP A 798 0.49 20.34 -20.60
C ASP A 798 0.89 19.09 -21.38
N ILE A 799 0.51 17.93 -20.88
CA ILE A 799 0.82 16.66 -21.53
C ILE A 799 0.15 16.56 -22.90
N LYS A 800 -1.13 16.90 -22.97
CA LYS A 800 -1.87 16.88 -24.24
C LYS A 800 -1.26 17.85 -25.26
N GLN A 801 -0.79 19.00 -24.80
CA GLN A 801 -0.16 19.97 -25.70
C GLN A 801 1.26 19.58 -26.14
N ARG A 802 2.01 18.94 -25.25
CA ARG A 802 3.47 18.80 -25.44
C ARG A 802 3.99 17.40 -25.77
N VAL A 803 3.25 16.36 -25.38
CA VAL A 803 3.72 14.98 -25.55
C VAL A 803 3.13 14.32 -26.80
N ARG A 804 4.01 13.91 -27.71
CA ARG A 804 3.61 13.20 -28.92
C ARG A 804 4.42 11.91 -29.10
N PHE A 805 3.75 10.88 -29.59
CA PHE A 805 4.38 9.62 -29.97
C PHE A 805 4.44 9.50 -31.48
N HIS A 806 5.57 9.01 -31.98
CA HIS A 806 5.89 9.13 -33.42
C HIS A 806 6.02 7.81 -34.18
N ASN A 807 5.96 6.67 -33.48
CA ASN A 807 5.97 5.37 -34.14
C ASN A 807 4.66 4.67 -33.85
N THR A 808 3.65 4.93 -34.69
CA THR A 808 2.28 4.49 -34.43
C THR A 808 1.59 3.93 -35.66
N GLY A 809 0.44 3.29 -35.46
CA GLY A 809 -0.39 2.80 -36.57
C GLY A 809 -0.05 1.39 -37.04
N PRO A 810 -0.79 0.89 -38.06
CA PRO A 810 -0.60 -0.50 -38.47
C PRO A 810 0.76 -0.82 -39.08
N SER A 811 1.46 0.21 -39.56
CA SER A 811 2.78 0.02 -40.16
C SER A 811 3.90 0.50 -39.23
N LEU A 812 3.61 0.59 -37.94
CA LEU A 812 4.63 0.97 -36.96
C LEU A 812 5.78 -0.04 -37.02
N VAL A 813 6.98 0.42 -36.67
CA VAL A 813 8.14 -0.45 -36.56
C VAL A 813 7.99 -1.19 -35.24
N PRO A 814 7.82 -2.52 -35.29
CA PRO A 814 7.64 -3.25 -34.03
C PRO A 814 8.81 -3.11 -33.06
N GLY A 815 8.51 -3.00 -31.77
CA GLY A 815 9.52 -2.92 -30.73
C GLY A 815 10.16 -1.57 -30.47
N VAL A 816 9.57 -0.49 -30.99
CA VAL A 816 10.12 0.84 -30.77
C VAL A 816 9.04 1.82 -30.35
N ILE A 817 9.31 2.58 -29.28
CA ILE A 817 8.47 3.70 -28.90
C ILE A 817 9.28 4.99 -29.03
N VAL A 818 8.74 5.95 -29.77
CA VAL A 818 9.36 7.24 -29.94
C VAL A 818 8.50 8.31 -29.29
N MET A 819 9.04 8.96 -28.28
CA MET A 819 8.29 9.90 -27.47
C MET A 819 8.94 11.28 -27.53
N GLY A 820 8.21 12.26 -28.08
CA GLY A 820 8.69 13.63 -28.15
C GLY A 820 7.99 14.55 -27.17
N ILE A 821 8.74 15.46 -26.55
CA ILE A 821 8.20 16.44 -25.61
C ILE A 821 8.65 17.83 -26.04
N GLU A 822 7.69 18.67 -26.40
CA GLU A 822 7.95 20.00 -26.93
C GLU A 822 7.98 21.07 -25.83
N ASP A 823 8.85 22.07 -25.99
CA ASP A 823 8.86 23.27 -25.14
C ASP A 823 8.74 24.51 -26.04
N ALA A 824 8.58 25.68 -25.41
CA ALA A 824 8.43 26.93 -26.13
C ALA A 824 9.62 27.17 -27.06
N ARG A 825 9.34 27.55 -28.30
CA ARG A 825 10.41 27.86 -29.25
C ARG A 825 9.95 28.84 -30.32
N GLY A 826 10.92 29.53 -30.93
CA GLY A 826 10.65 30.59 -31.89
C GLY A 826 10.33 31.89 -31.17
N GLU A 827 9.84 32.88 -31.91
CA GLU A 827 9.40 34.14 -31.33
C GLU A 827 7.90 34.06 -31.07
N SER A 828 7.47 34.53 -29.90
CA SER A 828 6.06 34.51 -29.50
C SER A 828 5.41 33.11 -29.65
N PRO A 829 5.88 32.13 -28.87
CA PRO A 829 5.34 30.76 -28.93
C PRO A 829 3.99 30.61 -28.24
N GLU A 830 3.29 29.52 -28.56
CA GLU A 830 1.96 29.25 -27.98
C GLU A 830 1.98 28.41 -26.70
N MET A 831 3.09 28.48 -25.96
CA MET A 831 3.20 27.81 -24.66
C MET A 831 4.31 28.46 -23.84
N ALA A 832 4.26 28.28 -22.53
CA ALA A 832 5.28 28.81 -21.64
C ALA A 832 6.59 28.06 -21.84
N GLN A 833 7.71 28.75 -21.60
CA GLN A 833 9.02 28.09 -21.59
C GLN A 833 9.24 27.45 -20.22
N LEU A 834 9.25 26.11 -20.19
CA LEU A 834 9.49 25.38 -18.95
C LEU A 834 10.97 25.09 -18.72
N ASP A 835 11.73 24.98 -19.81
CA ASP A 835 13.10 24.50 -19.76
C ASP A 835 14.07 25.55 -20.30
N THR A 836 14.98 26.01 -19.43
CA THR A 836 15.96 27.02 -19.83
C THR A 836 17.12 26.44 -20.65
N ASN A 837 17.27 25.13 -20.65
CA ASN A 837 18.39 24.49 -21.37
C ASN A 837 18.03 23.82 -22.70
N PHE A 838 16.82 23.26 -22.77
CA PHE A 838 16.39 22.45 -23.91
C PHE A 838 15.03 22.91 -24.41
N SER A 839 14.90 23.02 -25.73
CA SER A 839 13.62 23.41 -26.33
C SER A 839 12.79 22.20 -26.77
N TYR A 840 13.37 21.00 -26.67
CA TYR A 840 12.70 19.78 -27.17
C TYR A 840 13.48 18.56 -26.67
N VAL A 841 12.75 17.50 -26.34
CA VAL A 841 13.35 16.22 -25.97
C VAL A 841 12.67 15.11 -26.77
N VAL A 842 13.47 14.17 -27.28
CA VAL A 842 12.97 12.99 -27.97
C VAL A 842 13.63 11.77 -27.34
N THR A 843 12.79 10.84 -26.86
CA THR A 843 13.28 9.61 -26.23
C THR A 843 12.86 8.45 -27.10
N VAL A 844 13.80 7.58 -27.42
CA VAL A 844 13.52 6.39 -28.22
C VAL A 844 13.79 5.20 -27.33
N PHE A 845 12.75 4.41 -27.09
CA PHE A 845 12.89 3.15 -26.37
C PHE A 845 12.94 2.03 -27.41
N ASN A 846 14.12 1.44 -27.60
CA ASN A 846 14.27 0.37 -28.56
C ASN A 846 14.49 -0.99 -27.89
N VAL A 847 13.46 -1.83 -27.91
CA VAL A 847 13.56 -3.18 -27.31
C VAL A 847 13.98 -4.24 -28.33
N CYS A 848 14.16 -3.85 -29.59
CA CYS A 848 14.64 -4.80 -30.59
C CYS A 848 16.09 -5.22 -30.30
N PRO A 849 16.43 -6.48 -30.60
CA PRO A 849 17.82 -6.92 -30.45
C PRO A 849 18.71 -6.49 -31.63
N HIS A 850 18.49 -5.29 -32.14
CA HIS A 850 19.28 -4.76 -33.25
C HIS A 850 19.08 -3.25 -33.33
N GLU A 851 20.02 -2.59 -33.99
CA GLU A 851 19.92 -1.16 -34.21
C GLU A 851 18.67 -0.84 -35.04
N VAL A 852 18.02 0.29 -34.74
CA VAL A 852 16.91 0.79 -35.53
C VAL A 852 17.21 2.21 -35.95
N SER A 853 16.61 2.61 -37.07
CA SER A 853 16.70 3.97 -37.56
C SER A 853 15.28 4.46 -37.76
N MET A 854 14.89 5.40 -36.91
CA MET A 854 13.54 5.93 -36.90
C MET A 854 13.55 7.31 -37.55
N ASP A 855 12.91 7.39 -38.71
CA ASP A 855 12.81 8.65 -39.45
C ASP A 855 11.54 9.39 -39.04
N ILE A 856 11.73 10.61 -38.56
CA ILE A 856 10.63 11.46 -38.11
C ILE A 856 10.79 12.78 -38.83
N PRO A 857 10.28 12.86 -40.07
CA PRO A 857 10.51 14.09 -40.85
C PRO A 857 9.93 15.34 -40.21
N ALA A 858 8.96 15.18 -39.30
CA ALA A 858 8.46 16.30 -38.50
C ALA A 858 9.52 16.91 -37.59
N LEU A 859 10.58 16.15 -37.31
CA LEU A 859 11.66 16.60 -36.43
C LEU A 859 12.98 16.75 -37.19
N ALA A 860 12.89 16.87 -38.52
CA ALA A 860 14.07 17.13 -39.36
C ALA A 860 14.55 18.57 -39.22
N SER A 861 15.82 18.79 -39.54
CA SER A 861 16.44 20.11 -39.52
C SER A 861 16.31 20.84 -38.17
N MET A 862 16.48 20.09 -37.09
CA MET A 862 16.45 20.65 -35.75
C MET A 862 17.82 20.39 -35.12
N GLY A 863 18.03 20.91 -33.92
CA GLY A 863 19.34 20.86 -33.28
C GLY A 863 19.55 19.72 -32.31
N PHE A 864 18.95 18.57 -32.57
CA PHE A 864 19.05 17.44 -31.64
C PHE A 864 20.47 16.90 -31.49
N GLU A 865 20.84 16.65 -30.23
CA GLU A 865 22.11 16.03 -29.85
CA GLU A 865 22.08 15.99 -29.90
C GLU A 865 21.81 14.96 -28.82
N LEU A 866 22.71 13.99 -28.67
CA LEU A 866 22.56 13.00 -27.62
C LEU A 866 22.64 13.73 -26.28
N HIS A 867 21.77 13.37 -25.35
CA HIS A 867 21.78 13.96 -24.00
C HIS A 867 23.20 13.88 -23.39
N PRO A 868 23.70 14.98 -22.78
CA PRO A 868 25.09 14.96 -22.26
C PRO A 868 25.42 13.81 -21.30
N VAL A 869 24.45 13.44 -20.46
CA VAL A 869 24.60 12.27 -19.59
C VAL A 869 24.94 11.01 -20.39
N GLN A 870 24.29 10.81 -21.53
CA GLN A 870 24.51 9.62 -22.33
C GLN A 870 25.80 9.72 -23.15
N VAL A 871 26.16 10.92 -23.56
CA VAL A 871 27.45 11.15 -24.23
C VAL A 871 28.62 10.69 -23.35
N ASN A 872 28.46 10.89 -22.05
CA ASN A 872 29.47 10.52 -21.07
C ASN A 872 29.19 9.21 -20.33
N SER A 873 28.25 8.41 -20.85
CA SER A 873 27.83 7.18 -20.19
C SER A 873 28.96 6.16 -20.10
N SER A 874 28.96 5.38 -19.02
CA SER A 874 29.89 4.26 -18.89
CA SER A 874 29.88 4.25 -18.88
C SER A 874 29.45 3.11 -19.81
N ASP A 875 28.21 3.17 -20.30
CA ASP A 875 27.72 2.21 -21.28
C ASP A 875 28.21 2.68 -22.64
N THR A 876 29.11 1.92 -23.26
CA THR A 876 29.65 2.29 -24.56
C THR A 876 28.59 2.27 -25.66
N LEU A 877 27.58 1.41 -25.53
CA LEU A 877 26.62 1.21 -26.61
C LEU A 877 25.76 2.46 -26.85
N VAL A 878 25.21 3.02 -25.78
CA VAL A 878 24.29 4.18 -25.93
C VAL A 878 24.97 5.39 -26.57
N ARG A 879 26.29 5.51 -26.38
CA ARG A 879 27.05 6.63 -26.95
C ARG A 879 27.00 6.67 -28.48
N LYS A 880 26.67 5.54 -29.09
CA LYS A 880 26.61 5.43 -30.55
C LYS A 880 25.30 5.96 -31.15
N SER A 881 24.33 6.29 -30.30
CA SER A 881 23.08 6.88 -30.74
C SER A 881 23.35 8.17 -31.49
N ALA A 882 22.60 8.42 -32.57
CA ALA A 882 22.83 9.61 -33.38
C ALA A 882 21.57 10.12 -34.06
N TYR A 883 21.60 11.40 -34.38
CA TYR A 883 20.53 12.09 -35.10
C TYR A 883 21.08 12.64 -36.42
N GLU A 884 20.31 12.47 -37.50
CA GLU A 884 20.65 13.07 -38.80
C GLU A 884 19.64 14.15 -39.14
N ALA A 885 20.13 15.39 -39.25
CA ALA A 885 19.28 16.55 -39.41
C ALA A 885 18.44 16.57 -40.68
N ALA A 886 19.01 16.12 -41.80
CA ALA A 886 18.34 16.25 -43.09
C ALA A 886 17.07 15.39 -43.20
N THR A 887 17.07 14.25 -42.53
CA THR A 887 15.96 13.30 -42.60
C THR A 887 15.14 13.21 -41.31
N GLY A 888 15.66 13.75 -40.22
CA GLY A 888 15.05 13.58 -38.90
C GLY A 888 15.20 12.14 -38.41
N ARG A 889 16.32 11.52 -38.75
CA ARG A 889 16.58 10.12 -38.45
C ARG A 889 17.28 9.97 -37.12
N PHE A 890 16.68 9.17 -36.23
CA PHE A 890 17.28 8.84 -34.95
C PHE A 890 17.74 7.40 -34.99
N THR A 891 19.05 7.20 -34.90
CA THR A 891 19.62 5.86 -34.97
C THR A 891 19.96 5.40 -33.56
N VAL A 892 19.38 4.27 -33.17
CA VAL A 892 19.40 3.80 -31.79
C VAL A 892 19.80 2.32 -31.75
N PRO A 893 20.87 1.99 -31.00
CA PRO A 893 21.32 0.60 -30.92
C PRO A 893 20.32 -0.31 -30.26
N GLY A 894 20.52 -1.61 -30.43
CA GLY A 894 19.66 -2.62 -29.84
C GLY A 894 19.54 -2.52 -28.32
N ARG A 895 18.33 -2.79 -27.83
CA ARG A 895 18.07 -2.88 -26.39
C ARG A 895 18.60 -1.64 -25.67
N THR A 896 18.22 -0.47 -26.15
CA THR A 896 18.76 0.78 -25.64
C THR A 896 17.65 1.82 -25.57
N VAL A 897 17.75 2.67 -24.55
CA VAL A 897 16.95 3.89 -24.46
C VAL A 897 17.88 5.06 -24.72
N SER A 898 17.57 5.83 -25.76
CA SER A 898 18.35 6.98 -26.17
C SER A 898 17.52 8.25 -26.04
N VAL A 899 18.11 9.26 -25.41
CA VAL A 899 17.45 10.52 -25.15
C VAL A 899 18.17 11.60 -25.91
N PHE A 900 17.42 12.28 -26.77
CA PHE A 900 17.97 13.35 -27.59
C PHE A 900 17.37 14.67 -27.15
N VAL A 901 18.24 15.69 -27.04
CA VAL A 901 17.82 17.03 -26.65
C VAL A 901 18.16 18.06 -27.72
N GLU A 902 17.31 19.08 -27.84
CA GLU A 902 17.64 20.26 -28.63
C GLU A 902 18.08 21.39 -27.67
N PRO A 903 19.38 21.72 -27.65
CA PRO A 903 19.81 22.81 -26.75
C PRO A 903 19.29 24.18 -27.12
N ARG A 904 19.01 25.00 -26.10
CA ARG A 904 18.82 26.44 -26.30
C ARG A 904 20.17 27.13 -26.42
#